data_6RFN
#
_entry.id   6RFN
#
_cell.length_a   114.713
_cell.length_b   116.081
_cell.length_c   68.669
_cell.angle_alpha   90.00
_cell.angle_beta   108.26
_cell.angle_gamma   90.00
#
_symmetry.space_group_name_H-M   'C 1 2 1'
#
loop_
_entity.id
_entity.type
_entity.pdbx_description
1 polymer Phosphodiesterase
2 non-polymer 'ZINC ION'
3 non-polymer 'MAGNESIUM ION'
4 non-polymer 'FORMIC ACID'
5 non-polymer GUANIDINE
6 non-polymer GLYCEROL
7 non-polymer 3-[5-[(4~{a}~{R},8~{a}~{S})-4-oxidanylidene-3-propan-2-yl-4~{a},5,8,8~{a}-tetrahydrophthalazin-1-yl]-2-methoxy-phenyl]-~{N}-(3-methoxyphenyl)prop-2-ynamide
8 water water
#
_entity_poly.entity_id   1
_entity_poly.type   'polypeptide(L)'
_entity_poly.pdbx_seq_one_letter_code
;GSHMASELNEHRATLFNKNVPSRAVKRVTAITKVEREAVLVCELPSFDVTDVEFDLFRARESTDKPLDVAAAIAYRLLLG
SGLPQKFGCSDEVLLNFILQCRKKYRNVPYHNFYHVVDVCQTIHTFLYRGNVYEKLTELECFVLLITALVHDLDHMGLNN
SFYLKTESPLGILSSASGNTSVLEVHHCNLAVEILSDPESDVFDGLEGAERTLAFRSMIDCVLATDMAKHGSALEAFLAS
AADQSSDEAAFHRMTMEIILKAGDISNVTKPFDISRQWAMAVTEEFYRQGDMEKERGVEVLPMFDRSKNMELAKGQIGFI
DFVAAPFFQKIVDACLQGMQWTVDRIKSNRAQWERVLETR
;
_entity_poly.pdbx_strand_id   A,B
#
# COMPACT_ATOMS: atom_id res chain seq x y z
N VAL A 28 6.24 14.17 -41.77
CA VAL A 28 5.87 15.16 -40.70
C VAL A 28 4.68 15.99 -41.22
N THR A 29 3.46 15.42 -41.23
CA THR A 29 2.18 16.15 -41.51
C THR A 29 1.81 17.01 -40.29
N ALA A 30 1.38 18.26 -40.51
CA ALA A 30 1.12 19.24 -39.42
C ALA A 30 -0.09 18.76 -38.61
N ILE A 31 -0.11 19.15 -37.34
CA ILE A 31 -1.24 18.84 -36.42
C ILE A 31 -2.39 19.79 -36.79
N THR A 32 -3.62 19.26 -36.81
CA THR A 32 -4.87 19.97 -37.18
C THR A 32 -5.48 20.63 -35.93
N LYS A 33 -6.09 21.80 -36.14
CA LYS A 33 -7.09 22.43 -35.23
C LYS A 33 -7.95 21.36 -34.56
N VAL A 34 -8.46 20.37 -35.32
CA VAL A 34 -9.44 19.35 -34.83
C VAL A 34 -8.76 18.42 -33.81
N GLU A 35 -7.54 17.98 -34.11
CA GLU A 35 -6.72 17.07 -33.25
C GLU A 35 -6.48 17.77 -31.91
N ARG A 36 -5.99 19.02 -31.88
CA ARG A 36 -5.83 19.83 -30.62
C ARG A 36 -7.15 19.89 -29.83
N GLU A 37 -8.25 20.39 -30.44
CA GLU A 37 -9.59 20.52 -29.80
C GLU A 37 -9.96 19.20 -29.08
N ALA A 38 -9.71 18.07 -29.73
CA ALA A 38 -10.00 16.72 -29.19
C ALA A 38 -9.29 16.51 -27.83
N VAL A 39 -8.15 17.17 -27.57
CA VAL A 39 -7.37 17.04 -26.30
C VAL A 39 -7.84 18.09 -25.29
N LEU A 40 -7.90 19.37 -25.70
CA LEU A 40 -8.24 20.54 -24.83
C LEU A 40 -9.60 20.34 -24.14
N VAL A 41 -10.56 19.71 -24.81
CA VAL A 41 -11.92 19.40 -24.26
C VAL A 41 -11.83 18.39 -23.10
N CYS A 42 -10.80 17.55 -22.98
CA CYS A 42 -10.66 16.58 -21.86
C CYS A 42 -10.32 17.32 -20.56
N GLU A 43 -10.99 16.99 -19.46
CA GLU A 43 -11.00 17.85 -18.24
C GLU A 43 -10.48 17.12 -16.99
N LEU A 44 -10.46 15.77 -16.99
CA LEU A 44 -9.80 14.98 -15.90
C LEU A 44 -10.45 15.31 -14.55
N PRO A 45 -11.79 15.20 -14.45
CA PRO A 45 -12.48 15.39 -13.18
C PRO A 45 -12.08 14.25 -12.23
N SER A 46 -11.68 14.61 -11.01
CA SER A 46 -11.30 13.70 -9.90
C SER A 46 -9.76 13.55 -9.82
N PHE A 47 -9.02 13.70 -10.93
CA PHE A 47 -7.59 13.32 -11.05
C PHE A 47 -6.72 14.47 -10.54
N ASP A 48 -5.74 14.18 -9.67
CA ASP A 48 -4.57 15.08 -9.42
C ASP A 48 -3.33 14.44 -10.05
N VAL A 49 -2.98 14.88 -11.27
CA VAL A 49 -1.84 14.39 -12.10
C VAL A 49 -0.51 14.64 -11.38
N THR A 50 -0.47 15.52 -10.37
CA THR A 50 0.80 15.79 -9.64
C THR A 50 0.99 14.76 -8.52
N ASP A 51 0.04 13.86 -8.26
CA ASP A 51 0.02 13.04 -7.01
C ASP A 51 0.80 11.75 -7.25
N VAL A 52 1.56 11.26 -6.26
CA VAL A 52 2.36 10.00 -6.34
C VAL A 52 1.45 8.77 -6.47
N GLU A 53 0.13 8.94 -6.32
CA GLU A 53 -0.86 7.83 -6.32
C GLU A 53 -1.85 8.02 -7.44
N PHE A 54 -1.66 9.02 -8.29
CA PHE A 54 -2.29 9.10 -9.62
C PHE A 54 -2.31 7.74 -10.33
N ASP A 55 -3.48 7.37 -10.87
CA ASP A 55 -3.74 6.04 -11.51
C ASP A 55 -4.11 6.30 -12.97
N LEU A 56 -3.17 6.04 -13.88
CA LEU A 56 -3.34 6.25 -15.34
C LEU A 56 -4.30 5.20 -15.90
N PHE A 57 -4.42 4.06 -15.24
CA PHE A 57 -5.32 3.00 -15.73
C PHE A 57 -6.76 3.47 -15.50
N ARG A 58 -7.01 4.07 -14.34
CA ARG A 58 -8.36 4.60 -14.01
C ARG A 58 -8.71 5.71 -14.99
N ALA A 59 -7.74 6.54 -15.34
CA ALA A 59 -7.95 7.63 -16.31
C ALA A 59 -8.16 7.07 -17.72
N ARG A 60 -7.60 5.92 -18.07
CA ARG A 60 -7.75 5.43 -19.46
C ARG A 60 -9.22 5.06 -19.70
N GLU A 61 -9.74 4.10 -18.94
CA GLU A 61 -11.13 3.64 -19.21
C GLU A 61 -12.14 4.58 -18.56
N SER A 62 -11.76 5.83 -18.36
CA SER A 62 -12.68 6.81 -17.77
C SER A 62 -13.29 7.66 -18.89
N THR A 63 -13.14 7.21 -20.13
CA THR A 63 -13.66 7.81 -21.38
C THR A 63 -13.46 6.81 -22.51
N ASP A 64 -13.99 7.14 -23.68
CA ASP A 64 -13.82 6.27 -24.87
C ASP A 64 -12.76 6.90 -25.77
N LYS A 65 -11.94 7.79 -25.20
CA LYS A 65 -10.84 8.48 -25.91
C LYS A 65 -9.60 8.40 -25.01
N PRO A 66 -9.12 7.19 -24.63
CA PRO A 66 -7.98 7.07 -23.75
C PRO A 66 -6.75 7.79 -24.32
N LEU A 67 -6.61 7.80 -25.63
CA LEU A 67 -5.46 8.51 -26.24
C LEU A 67 -5.55 10.02 -25.99
N ASP A 68 -6.71 10.65 -26.19
CA ASP A 68 -6.90 12.12 -25.97
C ASP A 68 -6.61 12.48 -24.50
N VAL A 69 -7.08 11.67 -23.56
CA VAL A 69 -6.87 11.85 -22.10
C VAL A 69 -5.37 11.81 -21.76
N ALA A 70 -4.65 10.79 -22.20
CA ALA A 70 -3.19 10.65 -21.96
C ALA A 70 -2.49 11.95 -22.41
N ALA A 71 -2.83 12.43 -23.60
CA ALA A 71 -2.31 13.67 -24.21
C ALA A 71 -2.60 14.85 -23.28
N ALA A 72 -3.78 14.80 -22.64
CA ALA A 72 -4.29 15.93 -21.83
C ALA A 72 -3.56 15.91 -20.49
N ILE A 73 -3.29 14.72 -19.97
CA ILE A 73 -2.46 14.52 -18.75
C ILE A 73 -1.07 15.12 -18.99
N ALA A 74 -0.48 14.87 -20.16
CA ALA A 74 0.88 15.33 -20.48
C ALA A 74 0.89 16.85 -20.61
N TYR A 75 -0.06 17.39 -21.39
CA TYR A 75 -0.31 18.85 -21.58
C TYR A 75 -0.41 19.56 -20.23
N ARG A 76 -1.19 19.00 -19.30
CA ARG A 76 -1.43 19.62 -17.97
C ARG A 76 -0.14 19.59 -17.16
N LEU A 77 0.49 18.42 -17.08
CA LEU A 77 1.80 18.24 -16.40
C LEU A 77 2.76 19.30 -16.94
N LEU A 78 2.85 19.47 -18.26
CA LEU A 78 3.88 20.39 -18.83
C LEU A 78 3.51 21.85 -18.47
N LEU A 79 2.24 22.24 -18.60
CA LEU A 79 1.78 23.64 -18.30
C LEU A 79 1.82 23.97 -16.80
N GLY A 80 1.47 23.05 -15.91
CA GLY A 80 1.42 23.31 -14.46
C GLY A 80 2.79 23.43 -13.82
N SER A 81 3.83 22.86 -14.45
CA SER A 81 5.27 23.04 -14.11
C SER A 81 5.70 24.51 -14.29
N GLY A 82 5.04 25.21 -15.23
CA GLY A 82 5.29 26.61 -15.60
C GLY A 82 6.48 26.76 -16.53
N LEU A 83 7.06 25.67 -17.02
CA LEU A 83 8.41 25.72 -17.68
C LEU A 83 8.30 26.08 -19.17
N PRO A 84 7.32 25.57 -19.93
CA PRO A 84 7.23 25.92 -21.35
C PRO A 84 7.18 27.45 -21.61
N GLN A 85 6.28 28.16 -20.92
CA GLN A 85 6.16 29.65 -20.81
C GLN A 85 7.55 30.32 -20.66
N LYS A 86 8.33 29.93 -19.64
CA LYS A 86 9.65 30.53 -19.34
C LYS A 86 10.60 30.33 -20.54
N PHE A 87 10.39 29.32 -21.40
CA PHE A 87 11.33 29.03 -22.52
C PHE A 87 10.69 29.33 -23.87
N GLY A 88 9.64 30.13 -23.92
CA GLY A 88 9.08 30.63 -25.20
C GLY A 88 8.45 29.52 -26.01
N CYS A 89 7.93 28.51 -25.34
CA CYS A 89 7.12 27.48 -25.99
C CYS A 89 5.64 27.78 -25.72
N SER A 90 4.93 28.24 -26.72
CA SER A 90 3.48 28.50 -26.67
C SER A 90 2.76 27.21 -26.28
N ASP A 91 1.52 27.36 -25.81
CA ASP A 91 0.59 26.24 -25.53
C ASP A 91 0.31 25.46 -26.82
N GLU A 92 0.24 26.13 -27.97
CA GLU A 92 -0.13 25.46 -29.24
C GLU A 92 1.03 24.52 -29.69
N VAL A 93 2.28 25.02 -29.71
CA VAL A 93 3.51 24.27 -30.13
C VAL A 93 3.68 23.06 -29.20
N LEU A 94 3.59 23.31 -27.89
CA LEU A 94 3.66 22.26 -26.86
C LEU A 94 2.70 21.12 -27.19
N LEU A 95 1.48 21.45 -27.56
CA LEU A 95 0.44 20.41 -27.79
C LEU A 95 0.69 19.79 -29.18
N ASN A 96 1.19 20.56 -30.14
CA ASN A 96 1.60 20.00 -31.46
C ASN A 96 2.59 18.86 -31.18
N PHE A 97 3.62 19.17 -30.39
CA PHE A 97 4.70 18.23 -30.00
C PHE A 97 4.09 16.97 -29.34
N ILE A 98 3.27 17.15 -28.31
CA ILE A 98 2.65 15.98 -27.63
C ILE A 98 2.01 15.09 -28.71
N LEU A 99 1.35 15.69 -29.70
CA LEU A 99 0.53 14.95 -30.70
C LEU A 99 1.41 14.35 -31.80
N GLN A 100 2.45 15.05 -32.25
CA GLN A 100 3.51 14.44 -33.12
C GLN A 100 4.15 13.23 -32.42
N CYS A 101 4.32 13.27 -31.09
CA CYS A 101 4.92 12.14 -30.33
C CYS A 101 3.93 10.97 -30.33
N ARG A 102 2.65 11.28 -30.09
CA ARG A 102 1.60 10.25 -29.92
C ARG A 102 1.43 9.47 -31.22
N LYS A 103 1.42 10.14 -32.38
CA LYS A 103 1.27 9.49 -33.72
C LYS A 103 2.34 8.42 -33.95
N LYS A 104 3.49 8.53 -33.28
CA LYS A 104 4.68 7.70 -33.55
C LYS A 104 4.85 6.62 -32.48
N TYR A 105 3.86 6.37 -31.63
CA TYR A 105 3.85 5.14 -30.76
C TYR A 105 2.87 4.17 -31.39
N ARG A 106 2.97 2.92 -30.97
CA ARG A 106 2.30 1.77 -31.62
C ARG A 106 1.42 1.02 -30.64
N ASN A 107 0.40 0.36 -31.18
CA ASN A 107 -0.53 -0.49 -30.41
C ASN A 107 0.24 -1.76 -30.00
N VAL A 108 1.22 -1.66 -29.07
CA VAL A 108 1.84 -2.82 -28.36
C VAL A 108 1.35 -2.80 -26.91
N PRO A 109 1.50 -3.88 -26.13
CA PRO A 109 0.87 -3.94 -24.81
C PRO A 109 1.54 -3.03 -23.76
N TYR A 110 2.86 -2.76 -23.85
CA TYR A 110 3.62 -1.99 -22.81
C TYR A 110 4.26 -0.71 -23.38
N HIS A 111 5.10 -0.78 -24.41
CA HIS A 111 5.85 0.40 -24.90
C HIS A 111 4.99 1.19 -25.88
N ASN A 112 3.80 1.57 -25.43
CA ASN A 112 2.84 2.43 -26.14
C ASN A 112 2.92 3.83 -25.53
N PHE A 113 1.95 4.68 -25.84
CA PHE A 113 1.94 6.11 -25.44
C PHE A 113 1.62 6.25 -23.94
N TYR A 114 0.90 5.28 -23.40
CA TYR A 114 0.53 5.28 -21.98
C TYR A 114 1.85 5.16 -21.20
N HIS A 115 2.82 4.40 -21.68
CA HIS A 115 4.07 4.17 -20.91
C HIS A 115 4.85 5.48 -20.80
N VAL A 116 4.93 6.27 -21.86
CA VAL A 116 5.85 7.45 -21.87
C VAL A 116 5.14 8.59 -21.11
N VAL A 117 3.81 8.61 -21.13
CA VAL A 117 3.00 9.53 -20.30
C VAL A 117 3.17 9.14 -18.83
N ASP A 118 3.22 7.85 -18.53
CA ASP A 118 3.48 7.37 -17.15
C ASP A 118 4.86 7.87 -16.71
N VAL A 119 5.88 7.75 -17.58
CA VAL A 119 7.27 8.14 -17.21
C VAL A 119 7.33 9.64 -16.98
N CYS A 120 6.60 10.41 -17.79
CA CYS A 120 6.46 11.89 -17.73
C CYS A 120 5.87 12.33 -16.37
N GLN A 121 4.77 11.70 -15.95
CA GLN A 121 4.04 12.06 -14.71
C GLN A 121 4.93 11.64 -13.53
N THR A 122 5.54 10.48 -13.62
CA THR A 122 6.36 9.93 -12.53
C THR A 122 7.56 10.84 -12.35
N ILE A 123 8.15 11.31 -13.45
CA ILE A 123 9.35 12.20 -13.35
C ILE A 123 8.91 13.50 -12.70
N HIS A 124 7.69 13.92 -12.96
CA HIS A 124 7.13 15.15 -12.34
C HIS A 124 7.09 14.92 -10.82
N THR A 125 6.59 13.77 -10.37
CA THR A 125 6.52 13.46 -8.92
C THR A 125 7.96 13.44 -8.36
N PHE A 126 8.94 12.83 -9.05
CA PHE A 126 10.31 12.76 -8.49
C PHE A 126 10.87 14.19 -8.39
N LEU A 127 10.57 15.04 -9.37
CA LEU A 127 11.15 16.41 -9.40
C LEU A 127 10.55 17.24 -8.26
N TYR A 128 9.22 17.23 -8.11
CA TYR A 128 8.40 18.23 -7.36
C TYR A 128 7.93 17.71 -6.00
N ARG A 129 7.47 16.47 -5.90
CA ARG A 129 7.25 15.80 -4.58
C ARG A 129 8.57 15.29 -4.03
N GLY A 130 9.52 14.80 -4.83
CA GLY A 130 10.79 14.30 -4.27
C GLY A 130 11.87 15.37 -4.14
N ASN A 131 11.59 16.59 -4.62
CA ASN A 131 12.46 17.80 -4.54
C ASN A 131 13.76 17.60 -5.36
N VAL A 132 13.74 16.72 -6.35
CA VAL A 132 14.92 16.57 -7.23
C VAL A 132 15.05 17.86 -8.09
N TYR A 133 14.00 18.65 -8.25
CA TYR A 133 14.06 19.94 -9.00
C TYR A 133 15.23 20.78 -8.43
N GLU A 134 15.56 20.68 -7.13
CA GLU A 134 16.58 21.55 -6.47
C GLU A 134 17.98 21.26 -7.02
N LYS A 135 18.18 20.09 -7.61
CA LYS A 135 19.49 19.57 -8.09
C LYS A 135 19.76 20.06 -9.55
N LEU A 136 18.72 20.52 -10.28
CA LEU A 136 18.77 20.86 -11.71
C LEU A 136 18.29 22.30 -11.96
N THR A 137 18.61 22.86 -13.14
CA THR A 137 18.12 24.18 -13.57
C THR A 137 16.70 23.95 -14.05
N GLU A 138 15.95 25.00 -14.32
CA GLU A 138 14.59 24.89 -14.91
C GLU A 138 14.66 24.31 -16.33
N LEU A 139 15.70 24.66 -17.10
CA LEU A 139 15.84 24.12 -18.48
C LEU A 139 15.95 22.59 -18.37
N GLU A 140 16.79 22.11 -17.44
CA GLU A 140 16.97 20.65 -17.26
C GLU A 140 15.65 20.01 -16.84
N CYS A 141 14.84 20.61 -15.99
CA CYS A 141 13.54 20.03 -15.58
C CYS A 141 12.61 19.98 -16.78
N PHE A 142 12.64 21.06 -17.60
CA PHE A 142 11.82 21.16 -18.82
C PHE A 142 12.25 20.02 -19.74
N VAL A 143 13.56 19.90 -19.98
CA VAL A 143 14.09 18.84 -20.88
C VAL A 143 13.63 17.46 -20.38
N LEU A 144 13.79 17.17 -19.08
CA LEU A 144 13.43 15.82 -18.56
C LEU A 144 11.96 15.54 -18.87
N LEU A 145 11.07 16.46 -18.60
CA LEU A 145 9.61 16.21 -18.81
C LEU A 145 9.31 15.92 -20.29
N ILE A 146 9.98 16.62 -21.21
CA ILE A 146 9.85 16.49 -22.69
C ILE A 146 10.47 15.17 -23.13
N THR A 147 11.69 14.90 -22.69
CA THR A 147 12.39 13.64 -23.03
C THR A 147 11.48 12.44 -22.68
N ALA A 148 10.75 12.49 -21.58
CA ALA A 148 9.91 11.38 -21.12
C ALA A 148 9.02 10.97 -22.29
N LEU A 149 8.55 11.96 -23.05
CA LEU A 149 7.55 11.71 -24.12
C LEU A 149 8.22 11.15 -25.38
N VAL A 150 9.52 11.36 -25.60
CA VAL A 150 10.22 10.86 -26.83
C VAL A 150 11.00 9.55 -26.58
N HIS A 151 11.10 9.03 -25.36
CA HIS A 151 12.22 8.13 -24.97
C HIS A 151 11.99 6.71 -25.52
N ASP A 152 10.80 6.36 -25.99
CA ASP A 152 10.51 5.03 -26.60
C ASP A 152 9.86 5.14 -28.00
N LEU A 153 10.06 6.25 -28.73
CA LEU A 153 9.36 6.50 -30.03
C LEU A 153 9.52 5.33 -31.01
N ASP A 154 8.38 4.88 -31.54
CA ASP A 154 8.26 3.89 -32.63
C ASP A 154 8.82 2.57 -32.13
N HIS A 155 8.52 2.23 -30.87
CA HIS A 155 8.89 0.93 -30.24
C HIS A 155 7.96 -0.13 -30.83
N MET A 156 8.47 -1.33 -31.13
CA MET A 156 7.75 -2.35 -31.91
C MET A 156 7.40 -3.55 -30.99
N GLY A 157 7.73 -3.43 -29.69
CA GLY A 157 7.48 -4.49 -28.70
C GLY A 157 8.52 -5.60 -28.75
N LEU A 158 9.72 -5.29 -29.27
CA LEU A 158 10.87 -6.23 -29.34
C LEU A 158 12.09 -5.52 -28.77
N ASN A 159 12.96 -6.23 -28.05
CA ASN A 159 14.11 -5.60 -27.35
C ASN A 159 15.32 -5.53 -28.29
N ASN A 160 16.37 -4.86 -27.88
CA ASN A 160 17.59 -4.71 -28.70
C ASN A 160 17.96 -6.11 -29.17
N SER A 161 18.03 -7.02 -28.23
CA SER A 161 18.55 -8.39 -28.39
C SER A 161 17.89 -9.08 -29.60
N PHE A 162 16.59 -8.94 -29.75
CA PHE A 162 15.82 -9.57 -30.86
C PHE A 162 16.44 -9.19 -32.21
N TYR A 163 16.64 -7.89 -32.42
CA TYR A 163 17.14 -7.32 -33.70
C TYR A 163 18.52 -7.88 -34.01
N LEU A 164 19.38 -8.07 -33.01
CA LEU A 164 20.76 -8.53 -33.24
C LEU A 164 20.74 -10.04 -33.58
N LYS A 165 20.12 -10.88 -32.74
CA LYS A 165 20.05 -12.35 -32.93
C LYS A 165 19.39 -12.70 -34.25
N THR A 166 18.41 -11.93 -34.72
CA THR A 166 17.69 -12.22 -35.98
C THR A 166 18.42 -11.64 -37.20
N GLU A 167 19.55 -10.91 -37.01
CA GLU A 167 20.24 -10.16 -38.10
C GLU A 167 19.20 -9.41 -38.95
N SER A 168 18.31 -8.71 -38.26
CA SER A 168 17.31 -7.86 -38.94
C SER A 168 18.03 -6.59 -39.44
N PRO A 169 17.53 -5.90 -40.46
CA PRO A 169 18.19 -4.71 -41.00
C PRO A 169 18.70 -3.68 -39.98
N LEU A 170 17.86 -3.32 -39.03
CA LEU A 170 18.20 -2.36 -37.95
C LEU A 170 19.38 -2.90 -37.14
N GLY A 171 19.39 -4.20 -36.86
CA GLY A 171 20.47 -4.82 -36.08
C GLY A 171 21.77 -4.78 -36.84
N ILE A 172 21.72 -5.06 -38.13
CA ILE A 172 22.93 -5.04 -38.98
C ILE A 172 23.48 -3.61 -38.99
N LEU A 173 22.60 -2.65 -39.20
CA LEU A 173 22.95 -1.21 -39.25
C LEU A 173 23.61 -0.80 -37.94
N SER A 174 23.07 -1.22 -36.81
CA SER A 174 23.62 -0.90 -35.48
C SER A 174 25.00 -1.52 -35.33
N SER A 175 25.08 -2.81 -35.61
CA SER A 175 26.33 -3.57 -35.54
C SER A 175 27.39 -2.94 -36.46
N ALA A 176 27.04 -2.64 -37.71
CA ALA A 176 28.01 -2.03 -38.65
C ALA A 176 28.44 -0.64 -38.19
N SER A 177 27.52 0.10 -37.57
CA SER A 177 27.78 1.49 -37.09
C SER A 177 28.56 1.49 -35.78
N GLY A 178 28.61 0.36 -35.09
CA GLY A 178 29.33 0.31 -33.82
C GLY A 178 28.48 0.76 -32.65
N ASN A 179 27.16 0.86 -32.81
CA ASN A 179 26.30 1.23 -31.65
C ASN A 179 25.29 0.12 -31.36
N THR A 180 25.50 -0.57 -30.26
CA THR A 180 24.70 -1.72 -29.79
C THR A 180 23.31 -1.28 -29.29
N SER A 181 23.11 0.00 -28.98
CA SER A 181 21.79 0.49 -28.52
C SER A 181 20.89 0.74 -29.72
N VAL A 182 20.32 -0.34 -30.25
CA VAL A 182 19.51 -0.35 -31.51
C VAL A 182 18.33 0.61 -31.33
N LEU A 183 17.44 0.33 -30.38
CA LEU A 183 16.17 1.08 -30.21
C LEU A 183 16.46 2.52 -29.79
N GLU A 184 17.43 2.73 -28.90
CA GLU A 184 17.60 4.08 -28.28
C GLU A 184 18.02 5.04 -29.38
N VAL A 185 18.86 4.58 -30.30
CA VAL A 185 19.30 5.44 -31.45
C VAL A 185 18.09 5.66 -32.38
N HIS A 186 17.22 4.68 -32.60
CA HIS A 186 15.99 4.87 -33.41
C HIS A 186 15.19 5.99 -32.76
N HIS A 187 15.02 5.94 -31.44
CA HIS A 187 14.16 6.91 -30.69
C HIS A 187 14.75 8.31 -30.89
N CYS A 188 16.04 8.49 -30.63
CA CYS A 188 16.69 9.82 -30.76
C CYS A 188 16.48 10.37 -32.19
N ASN A 189 16.49 9.49 -33.20
CA ASN A 189 16.37 9.89 -34.63
C ASN A 189 14.98 10.51 -34.86
N LEU A 190 13.94 9.96 -34.27
CA LEU A 190 12.55 10.45 -34.48
C LEU A 190 12.33 11.69 -33.61
N ALA A 191 13.01 11.79 -32.48
CA ALA A 191 12.89 12.99 -31.62
C ALA A 191 13.36 14.17 -32.46
N VAL A 192 14.52 14.05 -33.08
CA VAL A 192 15.18 15.13 -33.87
C VAL A 192 14.28 15.49 -35.06
N GLU A 193 13.67 14.48 -35.71
CA GLU A 193 12.67 14.67 -36.81
C GLU A 193 11.57 15.63 -36.32
N ILE A 194 10.95 15.33 -35.19
CA ILE A 194 9.80 16.14 -34.68
C ILE A 194 10.24 17.57 -34.36
N LEU A 195 11.45 17.75 -33.81
CA LEU A 195 11.92 19.07 -33.30
C LEU A 195 12.50 19.98 -34.41
N SER A 196 12.58 19.51 -35.66
CA SER A 196 13.20 20.28 -36.80
C SER A 196 12.16 21.15 -37.55
N ASP A 197 10.86 20.83 -37.37
CA ASP A 197 9.65 21.63 -37.68
C ASP A 197 9.34 22.64 -36.55
N PRO A 198 9.58 23.95 -36.75
CA PRO A 198 9.34 24.95 -35.71
C PRO A 198 7.94 24.90 -35.08
N GLU A 199 6.98 24.28 -35.76
CA GLU A 199 5.57 24.14 -35.31
C GLU A 199 5.46 23.15 -34.16
N SER A 200 6.45 22.27 -33.98
CA SER A 200 6.46 21.30 -32.86
C SER A 200 7.82 21.29 -32.16
N ASP A 201 8.64 22.33 -32.31
CA ASP A 201 9.95 22.42 -31.60
C ASP A 201 9.71 23.13 -30.25
N VAL A 202 9.51 22.36 -29.17
CA VAL A 202 9.42 22.91 -27.78
C VAL A 202 10.73 23.65 -27.42
N PHE A 203 11.76 23.61 -28.25
CA PHE A 203 13.06 24.23 -27.92
C PHE A 203 13.32 25.38 -28.88
N ASP A 204 12.33 25.75 -29.69
CA ASP A 204 12.48 26.85 -30.67
C ASP A 204 12.87 28.14 -29.92
N GLY A 205 12.42 28.28 -28.68
CA GLY A 205 12.68 29.47 -27.83
C GLY A 205 14.12 29.61 -27.41
N LEU A 206 14.95 28.59 -27.62
CA LEU A 206 16.35 28.55 -27.12
C LEU A 206 17.32 28.92 -28.26
N GLU A 207 18.52 29.40 -27.92
CA GLU A 207 19.59 29.58 -28.92
C GLU A 207 20.93 29.24 -28.25
N GLY A 208 21.99 29.17 -29.06
CA GLY A 208 23.37 28.96 -28.60
C GLY A 208 23.43 27.81 -27.62
N ALA A 209 24.15 28.04 -26.52
CA ALA A 209 24.51 27.03 -25.51
C ALA A 209 23.23 26.36 -24.97
N GLU A 210 22.15 27.09 -24.81
CA GLU A 210 20.94 26.52 -24.17
C GLU A 210 20.30 25.53 -25.13
N ARG A 211 20.22 25.84 -26.42
CA ARG A 211 19.57 24.92 -27.42
C ARG A 211 20.41 23.66 -27.54
N THR A 212 21.74 23.84 -27.59
CA THR A 212 22.71 22.72 -27.61
C THR A 212 22.49 21.86 -26.35
N LEU A 213 22.47 22.44 -25.14
CA LEU A 213 22.37 21.67 -23.88
C LEU A 213 21.05 20.89 -23.93
N ALA A 214 20.00 21.49 -24.44
CA ALA A 214 18.66 20.85 -24.48
C ALA A 214 18.70 19.57 -25.30
N PHE A 215 19.28 19.61 -26.51
CA PHE A 215 19.39 18.47 -27.44
C PHE A 215 20.40 17.45 -26.90
N ARG A 216 21.61 17.88 -26.52
CA ARG A 216 22.66 16.97 -25.97
C ARG A 216 22.05 16.14 -24.85
N SER A 217 21.39 16.80 -23.88
CA SER A 217 20.85 16.18 -22.64
C SER A 217 19.63 15.33 -23.00
N MET A 218 18.76 15.74 -23.90
CA MET A 218 17.64 14.84 -24.28
C MET A 218 18.22 13.55 -24.88
N ILE A 219 19.26 13.70 -25.70
CA ILE A 219 19.85 12.51 -26.36
C ILE A 219 20.61 11.64 -25.36
N ASP A 220 21.51 12.21 -24.59
CA ASP A 220 22.25 11.47 -23.54
C ASP A 220 21.24 10.68 -22.67
N CYS A 221 20.10 11.27 -22.27
CA CYS A 221 19.15 10.61 -21.35
C CYS A 221 18.53 9.40 -22.05
N VAL A 222 18.08 9.53 -23.29
CA VAL A 222 17.41 8.41 -24.03
C VAL A 222 18.42 7.27 -24.22
N LEU A 223 19.63 7.58 -24.66
CA LEU A 223 20.71 6.60 -24.83
C LEU A 223 20.95 5.88 -23.49
N ALA A 224 20.76 6.54 -22.36
CA ALA A 224 21.06 5.98 -21.03
C ALA A 224 19.96 5.03 -20.55
N THR A 225 18.82 4.90 -21.26
CA THR A 225 17.67 4.04 -20.87
C THR A 225 17.92 2.60 -21.32
N ASP A 226 19.02 2.37 -22.06
CA ASP A 226 19.42 1.01 -22.49
C ASP A 226 19.92 0.25 -21.25
N MET A 227 19.23 -0.82 -20.87
CA MET A 227 19.50 -1.49 -19.57
C MET A 227 20.84 -2.21 -19.62
N ALA A 228 21.46 -2.28 -20.79
CA ALA A 228 22.80 -2.90 -20.97
C ALA A 228 23.82 -2.06 -20.21
N LYS A 229 23.55 -0.78 -19.99
CA LYS A 229 24.45 0.24 -19.39
C LYS A 229 23.96 0.58 -17.97
N HIS A 230 22.90 -0.07 -17.51
CA HIS A 230 22.32 0.14 -16.16
C HIS A 230 23.44 0.20 -15.09
N GLY A 231 24.23 -0.86 -14.94
CA GLY A 231 25.26 -0.93 -13.88
C GLY A 231 26.23 0.23 -13.98
N SER A 232 26.69 0.54 -15.19
CA SER A 232 27.73 1.58 -15.41
C SER A 232 27.12 2.98 -15.21
N ALA A 233 25.87 3.25 -15.59
CA ALA A 233 25.22 4.56 -15.35
C ALA A 233 24.96 4.73 -13.84
N LEU A 234 24.43 3.70 -13.18
CA LEU A 234 24.22 3.77 -11.73
C LEU A 234 25.55 4.06 -11.04
N GLU A 235 26.62 3.35 -11.35
CA GLU A 235 27.92 3.51 -10.62
C GLU A 235 28.51 4.89 -10.91
N ALA A 236 28.33 5.45 -12.11
CA ALA A 236 28.89 6.78 -12.43
C ALA A 236 28.17 7.84 -11.60
N PHE A 237 26.84 7.78 -11.60
CA PHE A 237 26.02 8.71 -10.81
C PHE A 237 26.48 8.68 -9.35
N LEU A 238 26.64 7.51 -8.75
CA LEU A 238 26.94 7.40 -7.30
C LEU A 238 28.35 7.92 -7.05
N ALA A 239 29.29 7.67 -7.96
CA ALA A 239 30.69 8.13 -7.79
C ALA A 239 30.73 9.66 -7.81
N SER A 240 29.91 10.26 -8.68
CA SER A 240 29.83 11.72 -8.84
C SER A 240 29.19 12.35 -7.58
N ALA A 241 28.08 11.81 -7.08
CA ALA A 241 27.38 12.31 -5.87
C ALA A 241 28.28 12.20 -4.64
N ALA A 242 29.13 11.18 -4.55
CA ALA A 242 30.02 11.01 -3.37
C ALA A 242 31.19 11.99 -3.44
N ASP A 243 31.41 12.68 -4.56
CA ASP A 243 32.61 13.52 -4.84
C ASP A 243 32.24 15.00 -4.81
N GLN A 244 32.49 15.69 -3.69
CA GLN A 244 32.21 17.15 -3.57
C GLN A 244 32.94 17.92 -4.69
N SER A 245 33.95 17.36 -5.34
CA SER A 245 34.66 18.07 -6.45
C SER A 245 34.27 17.49 -7.81
N SER A 246 33.16 16.77 -7.93
CA SER A 246 32.67 16.37 -9.27
C SER A 246 32.50 17.63 -10.12
N ASP A 247 32.85 17.56 -11.38
CA ASP A 247 32.41 18.58 -12.35
C ASP A 247 30.88 18.76 -12.25
N GLU A 248 30.42 19.97 -12.06
CA GLU A 248 29.01 20.40 -11.89
C GLU A 248 28.18 20.00 -13.10
N ALA A 249 28.61 20.33 -14.31
CA ALA A 249 27.88 20.01 -15.56
C ALA A 249 27.68 18.49 -15.67
N ALA A 250 28.75 17.73 -15.44
CA ALA A 250 28.74 16.26 -15.49
C ALA A 250 27.73 15.73 -14.46
N PHE A 251 27.68 16.30 -13.24
CA PHE A 251 26.74 15.84 -12.18
C PHE A 251 25.27 16.11 -12.60
N HIS A 252 25.02 17.29 -13.13
CA HIS A 252 23.68 17.67 -13.62
C HIS A 252 23.27 16.63 -14.61
N ARG A 253 24.15 16.35 -15.57
CA ARG A 253 23.85 15.44 -16.69
C ARG A 253 23.50 14.05 -16.18
N MET A 254 24.33 13.50 -15.29
CA MET A 254 24.13 12.16 -14.70
C MET A 254 22.85 12.11 -13.86
N THR A 255 22.47 13.23 -13.25
CA THR A 255 21.21 13.33 -12.46
C THR A 255 20.03 13.19 -13.44
N MET A 256 20.06 13.88 -14.58
CA MET A 256 18.98 13.78 -15.62
C MET A 256 18.86 12.31 -16.08
N GLU A 257 19.99 11.69 -16.40
CA GLU A 257 20.03 10.29 -16.89
C GLU A 257 19.46 9.34 -15.85
N ILE A 258 19.82 9.56 -14.58
CA ILE A 258 19.34 8.68 -13.48
C ILE A 258 17.83 8.88 -13.28
N ILE A 259 17.32 10.09 -13.46
CA ILE A 259 15.89 10.39 -13.27
C ILE A 259 15.07 9.77 -14.40
N LEU A 260 15.50 9.89 -15.65
CA LEU A 260 14.77 9.21 -16.75
C LEU A 260 14.87 7.70 -16.54
N LYS A 261 16.03 7.16 -16.16
CA LYS A 261 16.14 5.72 -15.85
C LYS A 261 15.17 5.36 -14.72
N ALA A 262 15.13 6.16 -13.67
CA ALA A 262 14.21 5.95 -12.52
C ALA A 262 12.77 5.90 -13.01
N GLY A 263 12.36 6.91 -13.76
CA GLY A 263 11.01 6.88 -14.35
C GLY A 263 10.78 5.60 -15.12
N ASP A 264 11.77 5.13 -15.88
CA ASP A 264 11.58 3.97 -16.79
C ASP A 264 11.35 2.68 -15.99
N ILE A 265 12.00 2.48 -14.83
CA ILE A 265 11.78 1.30 -13.96
C ILE A 265 10.93 1.65 -12.73
N SER A 266 10.06 2.63 -12.82
CA SER A 266 9.21 3.12 -11.70
C SER A 266 7.95 2.25 -11.42
N ASN A 267 7.59 1.29 -12.27
CA ASN A 267 6.32 0.53 -12.09
C ASN A 267 6.20 -0.06 -10.67
N VAL A 268 7.32 -0.49 -10.06
CA VAL A 268 7.30 -1.19 -8.74
C VAL A 268 7.28 -0.21 -7.57
N THR A 269 7.21 1.11 -7.86
CA THR A 269 7.18 2.18 -6.83
C THR A 269 5.74 2.69 -6.67
N LYS A 270 4.81 2.19 -7.49
CA LYS A 270 3.39 2.61 -7.51
C LYS A 270 2.58 1.72 -6.58
N PRO A 271 1.37 2.18 -6.19
CA PRO A 271 0.45 1.34 -5.42
C PRO A 271 0.23 -0.04 -6.09
N PHE A 272 0.22 -1.09 -5.28
CA PHE A 272 0.25 -2.51 -5.72
C PHE A 272 -0.60 -2.76 -6.98
N ASP A 273 -1.88 -2.36 -7.06
CA ASP A 273 -2.74 -2.76 -8.22
C ASP A 273 -2.24 -2.11 -9.51
N ILE A 274 -1.68 -0.89 -9.40
CA ILE A 274 -1.02 -0.17 -10.53
C ILE A 274 0.23 -0.95 -10.95
N SER A 275 1.15 -1.25 -10.03
CA SER A 275 2.37 -2.09 -10.25
C SER A 275 1.98 -3.35 -11.02
N ARG A 276 0.95 -4.04 -10.55
CA ARG A 276 0.46 -5.35 -11.08
C ARG A 276 -0.01 -5.19 -12.52
N GLN A 277 -0.81 -4.19 -12.83
CA GLN A 277 -1.28 -4.05 -14.25
C GLN A 277 -0.10 -3.73 -15.18
N TRP A 278 0.83 -2.88 -14.75
CA TRP A 278 2.07 -2.66 -15.51
C TRP A 278 2.72 -4.03 -15.74
N ALA A 279 2.87 -4.83 -14.69
CA ALA A 279 3.63 -6.10 -14.80
C ALA A 279 2.94 -7.03 -15.79
N MET A 280 1.61 -7.04 -15.83
CA MET A 280 0.85 -7.93 -16.75
C MET A 280 1.12 -7.52 -18.20
N ALA A 281 1.07 -6.22 -18.46
CA ALA A 281 1.32 -5.55 -19.76
C ALA A 281 2.74 -5.84 -20.28
N VAL A 282 3.73 -5.81 -19.40
CA VAL A 282 5.15 -6.01 -19.82
C VAL A 282 5.34 -7.49 -20.13
N THR A 283 4.74 -8.38 -19.34
CA THR A 283 4.76 -9.86 -19.52
C THR A 283 4.09 -10.21 -20.85
N GLU A 284 2.98 -9.57 -21.20
CA GLU A 284 2.33 -9.91 -22.49
C GLU A 284 3.35 -9.57 -23.59
N GLU A 285 3.96 -8.40 -23.51
CA GLU A 285 4.85 -7.92 -24.59
C GLU A 285 6.03 -8.89 -24.73
N PHE A 286 6.63 -9.31 -23.60
CA PHE A 286 7.78 -10.26 -23.60
C PHE A 286 7.32 -11.58 -24.23
N TYR A 287 6.09 -12.02 -23.91
CA TYR A 287 5.57 -13.33 -24.38
C TYR A 287 5.44 -13.27 -25.91
N ARG A 288 4.96 -12.16 -26.47
CA ARG A 288 4.80 -12.01 -27.94
C ARG A 288 6.18 -12.08 -28.60
N GLN A 289 7.20 -11.48 -27.98
CA GLN A 289 8.56 -11.50 -28.58
C GLN A 289 8.97 -12.96 -28.62
N GLY A 290 8.65 -13.71 -27.57
CA GLY A 290 9.00 -15.15 -27.45
C GLY A 290 8.35 -15.97 -28.55
N ASP A 291 7.15 -15.58 -28.99
CA ASP A 291 6.37 -16.25 -30.05
C ASP A 291 7.08 -16.08 -31.40
N MET A 292 7.49 -14.86 -31.72
CA MET A 292 8.21 -14.54 -32.99
C MET A 292 9.62 -15.13 -32.99
N GLU A 293 10.28 -15.25 -31.84
CA GLU A 293 11.66 -15.81 -31.74
C GLU A 293 11.64 -17.32 -32.00
N LYS A 294 10.48 -17.95 -31.80
CA LYS A 294 10.20 -19.41 -31.99
C LYS A 294 9.93 -19.66 -33.47
N GLU A 295 8.96 -18.92 -34.03
CA GLU A 295 8.58 -18.94 -35.46
C GLU A 295 9.79 -18.53 -36.31
N ARG A 296 10.78 -17.80 -35.76
CA ARG A 296 12.05 -17.45 -36.47
C ARG A 296 13.20 -18.38 -36.07
N GLY A 297 12.91 -19.42 -35.27
CA GLY A 297 13.89 -20.38 -34.73
C GLY A 297 15.16 -19.75 -34.16
N VAL A 298 15.07 -18.70 -33.34
CA VAL A 298 16.27 -18.15 -32.60
C VAL A 298 16.10 -18.42 -31.08
N GLU A 299 17.14 -18.16 -30.28
CA GLU A 299 17.14 -18.39 -28.80
C GLU A 299 15.92 -17.70 -28.17
N VAL A 300 15.10 -18.43 -27.37
CA VAL A 300 13.95 -17.88 -26.57
C VAL A 300 14.25 -18.02 -25.07
N LEU A 301 14.50 -16.92 -24.34
CA LEU A 301 14.81 -16.92 -22.87
C LEU A 301 13.63 -17.49 -22.06
N PRO A 302 13.89 -18.00 -20.83
CA PRO A 302 12.85 -18.67 -20.05
C PRO A 302 11.66 -17.73 -19.91
N MET A 303 12.00 -16.50 -19.52
CA MET A 303 11.12 -15.34 -19.24
C MET A 303 10.25 -14.94 -20.45
N PHE A 304 10.61 -15.26 -21.70
CA PHE A 304 9.82 -14.81 -22.89
C PHE A 304 8.94 -15.95 -23.38
N ASP A 305 8.95 -17.11 -22.68
CA ASP A 305 8.30 -18.39 -23.11
C ASP A 305 6.90 -18.56 -22.45
N ARG A 306 5.80 -18.29 -23.18
CA ARG A 306 4.39 -18.47 -22.71
C ARG A 306 4.19 -19.84 -22.02
N SER A 307 4.78 -20.89 -22.58
CA SER A 307 4.60 -22.30 -22.12
C SER A 307 5.65 -22.62 -21.06
N LYS A 308 5.89 -21.67 -20.19
CA LYS A 308 6.73 -21.86 -18.99
C LYS A 308 5.90 -21.41 -17.78
N ASN A 309 4.85 -20.63 -18.06
CA ASN A 309 3.88 -20.00 -17.13
C ASN A 309 4.60 -19.68 -15.83
N MET A 310 5.58 -18.79 -15.90
CA MET A 310 6.30 -18.42 -14.68
C MET A 310 5.39 -17.48 -13.89
N GLU A 311 5.41 -17.62 -12.59
CA GLU A 311 4.52 -16.81 -11.69
C GLU A 311 4.95 -15.34 -11.73
N LEU A 312 4.01 -14.45 -12.05
CA LEU A 312 4.17 -12.98 -11.81
C LEU A 312 4.90 -12.70 -10.48
N ALA A 313 4.43 -13.28 -9.38
CA ALA A 313 4.89 -12.98 -8.02
C ALA A 313 6.40 -13.13 -7.92
N LYS A 314 6.92 -14.25 -8.42
CA LYS A 314 8.36 -14.58 -8.37
C LYS A 314 9.09 -13.65 -9.35
N GLY A 315 8.44 -13.31 -10.45
CA GLY A 315 8.98 -12.36 -11.42
C GLY A 315 9.20 -11.00 -10.79
N GLN A 316 8.14 -10.45 -10.20
CA GLN A 316 8.15 -9.09 -9.61
C GLN A 316 9.15 -9.09 -8.46
N ILE A 317 9.18 -10.14 -7.64
CA ILE A 317 10.12 -10.18 -6.49
C ILE A 317 11.56 -10.20 -7.05
N GLY A 318 11.76 -10.90 -8.17
CA GLY A 318 13.09 -11.03 -8.78
C GLY A 318 13.55 -9.68 -9.26
N PHE A 319 12.66 -8.98 -9.96
CA PHE A 319 12.92 -7.62 -10.48
C PHE A 319 13.29 -6.68 -9.31
N ILE A 320 12.48 -6.71 -8.26
CA ILE A 320 12.68 -5.92 -7.02
C ILE A 320 14.05 -6.27 -6.42
N ASP A 321 14.41 -7.54 -6.29
CA ASP A 321 15.59 -7.92 -5.50
C ASP A 321 16.88 -7.55 -6.26
N PHE A 322 16.86 -7.68 -7.57
CA PHE A 322 18.09 -7.68 -8.42
C PHE A 322 18.23 -6.34 -9.14
N VAL A 323 17.14 -5.65 -9.48
CA VAL A 323 17.21 -4.33 -10.20
C VAL A 323 16.72 -3.15 -9.35
N ALA A 324 15.44 -3.03 -8.99
CA ALA A 324 14.77 -1.78 -8.55
C ALA A 324 15.05 -1.44 -7.08
N ALA A 325 15.05 -2.40 -6.17
CA ALA A 325 15.28 -2.07 -4.75
C ALA A 325 16.70 -1.52 -4.59
N PRO A 326 17.77 -2.20 -5.06
CA PRO A 326 19.12 -1.68 -4.92
C PRO A 326 19.29 -0.33 -5.64
N PHE A 327 18.59 -0.12 -6.75
CA PHE A 327 18.71 1.11 -7.58
C PHE A 327 18.20 2.31 -6.79
N PHE A 328 16.93 2.27 -6.43
CA PHE A 328 16.28 3.35 -5.67
C PHE A 328 16.93 3.51 -4.30
N GLN A 329 17.24 2.43 -3.59
CA GLN A 329 17.86 2.58 -2.24
C GLN A 329 19.17 3.37 -2.41
N LYS A 330 20.03 3.00 -3.33
CA LYS A 330 21.38 3.61 -3.48
C LYS A 330 21.29 5.11 -3.89
N ILE A 331 20.33 5.50 -4.75
CA ILE A 331 20.25 6.89 -5.26
C ILE A 331 19.62 7.78 -4.18
N VAL A 332 18.65 7.26 -3.45
CA VAL A 332 18.05 7.98 -2.30
C VAL A 332 19.15 8.22 -1.27
N ASP A 333 19.92 7.20 -0.90
CA ASP A 333 20.99 7.31 0.13
C ASP A 333 22.06 8.26 -0.35
N ALA A 334 22.52 8.11 -1.59
CA ALA A 334 23.62 8.90 -2.18
C ALA A 334 23.29 10.41 -2.19
N CYS A 335 22.04 10.81 -2.39
CA CYS A 335 21.70 12.13 -2.93
C CYS A 335 20.22 12.48 -2.82
N LEU A 336 19.34 11.62 -3.34
CA LEU A 336 17.90 11.94 -3.59
C LEU A 336 17.03 11.49 -2.39
N GLN A 337 17.36 11.94 -1.16
CA GLN A 337 16.59 11.70 0.11
C GLN A 337 15.07 11.91 -0.09
N GLY A 338 14.68 12.91 -0.85
CA GLY A 338 13.26 13.26 -1.03
C GLY A 338 12.49 12.15 -1.70
N MET A 339 13.17 11.19 -2.33
CA MET A 339 12.49 10.09 -3.05
C MET A 339 12.35 8.83 -2.16
N GLN A 340 12.55 8.95 -0.85
CA GLN A 340 12.48 7.82 0.12
C GLN A 340 11.20 7.00 -0.12
N TRP A 341 10.07 7.65 -0.42
CA TRP A 341 8.77 6.95 -0.61
C TRP A 341 8.90 5.81 -1.63
N THR A 342 9.75 5.96 -2.64
CA THR A 342 9.90 4.92 -3.68
C THR A 342 10.40 3.64 -3.03
N VAL A 343 11.39 3.76 -2.14
CA VAL A 343 11.95 2.60 -1.39
C VAL A 343 10.90 1.98 -0.45
N ASP A 344 10.11 2.80 0.23
CA ASP A 344 9.01 2.37 1.11
C ASP A 344 8.00 1.54 0.29
N ARG A 345 7.60 2.02 -0.87
CA ARG A 345 6.60 1.33 -1.72
C ARG A 345 7.15 0.01 -2.29
N ILE A 346 8.44 -0.08 -2.56
CA ILE A 346 9.00 -1.32 -3.16
C ILE A 346 8.95 -2.37 -2.07
N LYS A 347 9.26 -1.96 -0.84
CA LYS A 347 9.24 -2.84 0.35
C LYS A 347 7.85 -3.47 0.50
N SER A 348 6.81 -2.64 0.42
CA SER A 348 5.42 -3.08 0.69
C SER A 348 4.89 -3.86 -0.53
N ASN A 349 5.31 -3.52 -1.75
CA ASN A 349 4.94 -4.31 -2.93
C ASN A 349 5.56 -5.72 -2.83
N ARG A 350 6.82 -5.83 -2.42
CA ARG A 350 7.52 -7.12 -2.23
C ARG A 350 6.75 -7.98 -1.20
N ALA A 351 6.47 -7.42 -0.02
CA ALA A 351 5.73 -8.12 1.05
C ALA A 351 4.35 -8.53 0.54
N GLN A 352 3.73 -7.70 -0.28
CA GLN A 352 2.43 -8.08 -0.86
C GLN A 352 2.64 -9.27 -1.80
N TRP A 353 3.76 -9.33 -2.54
CA TRP A 353 4.00 -10.48 -3.43
C TRP A 353 4.33 -11.72 -2.58
N GLU A 354 5.12 -11.56 -1.52
CA GLU A 354 5.43 -12.65 -0.56
C GLU A 354 4.13 -13.26 0.04
N ARG A 355 3.10 -12.45 0.25
CA ARG A 355 1.76 -12.84 0.77
C ARG A 355 1.01 -13.66 -0.28
N VAL A 356 1.07 -13.27 -1.57
CA VAL A 356 0.49 -14.06 -2.68
C VAL A 356 1.14 -15.46 -2.67
N LEU A 357 2.45 -15.52 -2.41
CA LEU A 357 3.19 -16.81 -2.34
C LEU A 357 2.77 -17.58 -1.09
N GLU A 358 2.72 -16.89 0.04
CA GLU A 358 2.51 -17.57 1.34
C GLU A 358 1.10 -18.19 1.34
N THR A 359 0.17 -17.72 0.51
CA THR A 359 -1.24 -18.16 0.56
C THR A 359 -1.62 -19.01 -0.65
N ARG A 360 -0.66 -19.29 -1.56
CA ARG A 360 -0.94 -20.04 -2.82
C ARG A 360 -1.24 -21.51 -2.45
N VAL B 28 9.46 -20.51 20.94
CA VAL B 28 10.72 -20.95 21.63
C VAL B 28 11.46 -19.69 22.14
N THR B 29 11.65 -18.66 21.29
CA THR B 29 12.59 -17.51 21.50
C THR B 29 12.14 -16.66 22.69
N ALA B 30 12.97 -16.51 23.73
CA ALA B 30 12.62 -15.79 24.98
C ALA B 30 12.82 -14.28 24.78
N ILE B 31 12.24 -13.49 25.69
CA ILE B 31 12.26 -12.00 25.62
C ILE B 31 13.49 -11.55 26.42
N THR B 32 14.23 -10.58 25.90
CA THR B 32 15.55 -10.16 26.45
C THR B 32 15.37 -8.96 27.38
N LYS B 33 16.20 -8.86 28.42
CA LYS B 33 16.17 -7.77 29.43
C LYS B 33 16.14 -6.39 28.74
N VAL B 34 16.65 -6.32 27.51
CA VAL B 34 16.78 -5.06 26.72
C VAL B 34 15.45 -4.76 26.00
N GLU B 35 14.79 -5.79 25.45
CA GLU B 35 13.40 -5.68 24.90
C GLU B 35 12.46 -5.15 26.00
N ARG B 36 12.65 -5.57 27.25
CA ARG B 36 11.80 -5.11 28.38
C ARG B 36 12.12 -3.64 28.70
N GLU B 37 13.39 -3.30 28.83
CA GLU B 37 13.82 -1.94 29.27
C GLU B 37 13.30 -0.93 28.24
N ALA B 38 13.23 -1.33 26.97
CA ALA B 38 12.79 -0.46 25.85
C ALA B 38 11.32 -0.03 26.00
N VAL B 39 10.53 -0.79 26.78
CA VAL B 39 9.09 -0.50 27.08
C VAL B 39 9.03 0.28 28.41
N LEU B 40 9.71 -0.19 29.46
CA LEU B 40 9.65 0.39 30.83
C LEU B 40 10.02 1.88 30.81
N VAL B 41 10.94 2.24 29.91
CA VAL B 41 11.41 3.63 29.63
C VAL B 41 10.21 4.56 29.36
N CYS B 42 9.29 4.19 28.47
CA CYS B 42 8.17 5.07 28.01
C CYS B 42 7.29 5.47 29.19
N GLU B 43 7.10 6.77 29.40
CA GLU B 43 6.43 7.29 30.63
C GLU B 43 5.05 7.86 30.27
N LEU B 44 4.69 7.92 28.98
CA LEU B 44 3.33 8.30 28.51
C LEU B 44 2.87 9.61 29.15
N PRO B 45 3.70 10.68 29.09
CA PRO B 45 3.41 11.88 29.86
C PRO B 45 2.33 12.61 29.02
N SER B 46 1.26 13.06 29.69
CA SER B 46 0.13 13.84 29.10
C SER B 46 -1.03 12.92 28.72
N PHE B 47 -0.90 11.60 28.94
CA PHE B 47 -1.84 10.56 28.44
C PHE B 47 -2.57 9.95 29.62
N ASP B 48 -3.87 9.73 29.53
CA ASP B 48 -4.58 8.91 30.54
C ASP B 48 -5.21 7.71 29.80
N VAL B 49 -4.58 6.56 29.98
CA VAL B 49 -4.93 5.30 29.25
C VAL B 49 -6.29 4.80 29.68
N THR B 50 -6.87 5.30 30.78
CA THR B 50 -8.18 4.80 31.29
C THR B 50 -9.32 5.63 30.71
N ASP B 51 -9.03 6.64 29.88
CA ASP B 51 -10.07 7.65 29.55
C ASP B 51 -10.72 7.22 28.25
N VAL B 52 -12.01 7.50 28.06
CA VAL B 52 -12.76 7.15 26.81
C VAL B 52 -12.38 8.03 25.62
N GLU B 53 -11.71 9.15 25.88
CA GLU B 53 -11.33 10.15 24.84
C GLU B 53 -9.91 9.85 24.37
N PHE B 54 -9.19 9.04 25.13
CA PHE B 54 -7.78 8.67 24.88
C PHE B 54 -7.58 8.32 23.40
N ASP B 55 -6.45 8.81 22.84
CA ASP B 55 -6.08 8.91 21.40
C ASP B 55 -4.79 8.12 21.17
N LEU B 56 -4.92 6.86 20.74
CA LEU B 56 -3.76 5.95 20.46
C LEU B 56 -2.93 6.50 19.28
N PHE B 57 -3.61 7.06 18.27
CA PHE B 57 -3.01 7.75 17.11
C PHE B 57 -2.08 8.85 17.63
N ARG B 58 -2.56 9.71 18.53
CA ARG B 58 -1.70 10.76 19.15
C ARG B 58 -0.53 10.07 19.84
N ALA B 59 -0.76 9.06 20.68
CA ALA B 59 0.33 8.35 21.40
C ALA B 59 1.33 7.74 20.40
N ARG B 60 0.86 7.23 19.26
CA ARG B 60 1.75 6.68 18.20
C ARG B 60 2.65 7.79 17.60
N GLU B 61 2.10 8.98 17.36
CA GLU B 61 2.80 10.15 16.74
C GLU B 61 3.83 10.69 17.74
N SER B 62 3.64 10.44 19.03
CA SER B 62 4.32 11.14 20.16
C SER B 62 5.80 10.77 20.25
N THR B 63 6.21 9.66 19.64
CA THR B 63 7.58 9.09 19.83
C THR B 63 8.02 8.49 18.51
N ASP B 64 9.33 8.24 18.34
CA ASP B 64 9.91 7.59 17.14
C ASP B 64 9.73 6.06 17.27
N LYS B 65 9.19 5.59 18.41
CA LYS B 65 9.09 4.16 18.82
C LYS B 65 7.64 3.80 19.14
N PRO B 66 6.69 3.91 18.20
CA PRO B 66 5.29 3.69 18.56
C PRO B 66 5.02 2.24 19.05
N LEU B 67 5.73 1.22 18.55
CA LEU B 67 5.58 -0.17 19.04
C LEU B 67 5.85 -0.27 20.55
N ASP B 68 6.79 0.52 21.07
CA ASP B 68 7.18 0.51 22.51
C ASP B 68 6.11 1.28 23.31
N VAL B 69 5.58 2.38 22.75
CA VAL B 69 4.54 3.15 23.49
C VAL B 69 3.33 2.22 23.61
N ALA B 70 2.92 1.60 22.51
CA ALA B 70 1.77 0.67 22.45
C ALA B 70 1.93 -0.41 23.53
N ALA B 71 3.12 -0.99 23.68
CA ALA B 71 3.34 -2.07 24.66
C ALA B 71 3.25 -1.51 26.07
N ALA B 72 3.82 -0.32 26.27
CA ALA B 72 3.76 0.41 27.54
C ALA B 72 2.29 0.69 27.91
N ILE B 73 1.47 1.10 26.95
CA ILE B 73 0.01 1.33 27.13
C ILE B 73 -0.68 0.06 27.65
N ALA B 74 -0.49 -1.11 27.00
CA ALA B 74 -1.04 -2.42 27.43
C ALA B 74 -0.59 -2.74 28.86
N TYR B 75 0.69 -2.50 29.19
CA TYR B 75 1.30 -2.91 30.49
C TYR B 75 0.65 -2.09 31.60
N ARG B 76 0.51 -0.78 31.40
CA ARG B 76 -0.08 0.12 32.41
C ARG B 76 -1.57 -0.22 32.57
N LEU B 77 -2.25 -0.55 31.48
CA LEU B 77 -3.69 -0.87 31.57
C LEU B 77 -3.87 -2.10 32.44
N LEU B 78 -3.01 -3.10 32.28
CA LEU B 78 -3.20 -4.34 33.07
C LEU B 78 -2.73 -4.16 34.51
N LEU B 79 -1.60 -3.49 34.75
CA LEU B 79 -1.12 -3.26 36.13
C LEU B 79 -2.09 -2.35 36.87
N GLY B 80 -2.62 -1.34 36.19
CA GLY B 80 -3.59 -0.37 36.76
C GLY B 80 -4.94 -1.00 37.08
N SER B 81 -5.25 -2.16 36.52
CA SER B 81 -6.49 -2.92 36.85
C SER B 81 -6.30 -3.56 38.23
N GLY B 82 -5.05 -3.80 38.63
CA GLY B 82 -4.75 -4.53 39.87
C GLY B 82 -5.00 -6.04 39.73
N LEU B 83 -5.36 -6.55 38.55
CA LEU B 83 -5.81 -7.96 38.32
C LEU B 83 -4.64 -8.96 38.20
N PRO B 84 -3.56 -8.71 37.41
CA PRO B 84 -2.48 -9.68 37.33
C PRO B 84 -1.81 -10.01 38.68
N GLN B 85 -1.58 -9.02 39.55
CA GLN B 85 -1.00 -9.19 40.90
C GLN B 85 -1.82 -10.25 41.66
N LYS B 86 -3.16 -10.18 41.57
CA LYS B 86 -4.10 -11.04 42.33
C LYS B 86 -4.14 -12.49 41.84
N PHE B 87 -3.63 -12.76 40.64
CA PHE B 87 -3.72 -14.11 40.03
C PHE B 87 -2.31 -14.67 39.81
N GLY B 88 -1.29 -14.10 40.43
CA GLY B 88 0.06 -14.69 40.55
C GLY B 88 0.93 -14.39 39.34
N CYS B 89 0.56 -13.37 38.57
CA CYS B 89 1.25 -12.98 37.32
C CYS B 89 2.21 -11.82 37.61
N SER B 90 3.51 -12.08 37.57
CA SER B 90 4.56 -11.10 37.94
C SER B 90 4.58 -10.00 36.88
N ASP B 91 5.11 -8.83 37.23
CA ASP B 91 5.29 -7.73 36.24
C ASP B 91 6.09 -8.27 35.05
N GLU B 92 7.14 -9.06 35.30
CA GLU B 92 8.05 -9.57 34.26
C GLU B 92 7.28 -10.48 33.30
N VAL B 93 6.48 -11.44 33.79
CA VAL B 93 5.74 -12.43 32.93
C VAL B 93 4.71 -11.68 32.04
N LEU B 94 4.11 -10.62 32.59
CA LEU B 94 3.08 -9.80 31.93
C LEU B 94 3.72 -9.11 30.74
N LEU B 95 4.85 -8.46 30.96
CA LEU B 95 5.58 -7.72 29.90
C LEU B 95 6.13 -8.72 28.87
N ASN B 96 6.56 -9.92 29.30
CA ASN B 96 7.03 -10.99 28.38
C ASN B 96 5.86 -11.34 27.46
N PHE B 97 4.71 -11.68 28.06
CA PHE B 97 3.45 -12.03 27.35
C PHE B 97 3.15 -10.96 26.31
N ILE B 98 3.23 -9.70 26.71
CA ILE B 98 2.82 -8.57 25.82
C ILE B 98 3.75 -8.52 24.60
N LEU B 99 5.05 -8.74 24.80
CA LEU B 99 6.07 -8.56 23.71
C LEU B 99 6.03 -9.76 22.76
N GLN B 100 5.73 -10.96 23.27
CA GLN B 100 5.48 -12.15 22.43
C GLN B 100 4.28 -11.92 21.52
N CYS B 101 3.15 -11.47 22.06
CA CYS B 101 1.98 -11.11 21.23
C CYS B 101 2.46 -10.13 20.15
N ARG B 102 3.25 -9.12 20.54
CA ARG B 102 3.69 -8.02 19.65
C ARG B 102 4.46 -8.57 18.44
N LYS B 103 5.42 -9.47 18.70
CA LYS B 103 6.24 -10.16 17.66
C LYS B 103 5.34 -10.95 16.68
N LYS B 104 4.06 -11.24 17.00
CA LYS B 104 3.25 -12.08 16.10
C LYS B 104 2.25 -11.23 15.34
N TYR B 105 2.33 -9.91 15.41
CA TYR B 105 1.45 -9.05 14.58
C TYR B 105 2.28 -8.63 13.37
N ARG B 106 1.61 -8.47 12.23
CA ARG B 106 2.26 -8.08 10.97
C ARG B 106 2.09 -6.59 10.71
N ASN B 107 2.81 -6.12 9.71
CA ASN B 107 2.79 -4.71 9.26
C ASN B 107 1.67 -4.63 8.21
N VAL B 108 0.43 -4.74 8.62
CA VAL B 108 -0.74 -4.50 7.74
C VAL B 108 -1.35 -3.18 8.19
N PRO B 109 -2.23 -2.60 7.36
CA PRO B 109 -2.83 -1.32 7.73
C PRO B 109 -3.63 -1.36 9.04
N TYR B 110 -4.51 -2.36 9.25
CA TYR B 110 -5.53 -2.33 10.34
C TYR B 110 -5.30 -3.43 11.40
N HIS B 111 -5.26 -4.71 11.04
CA HIS B 111 -5.16 -5.83 12.01
C HIS B 111 -3.71 -6.00 12.47
N ASN B 112 -3.13 -4.95 13.03
CA ASN B 112 -1.72 -4.95 13.53
C ASN B 112 -1.78 -4.76 15.04
N PHE B 113 -0.65 -4.57 15.73
CA PHE B 113 -0.59 -4.60 17.20
C PHE B 113 -1.36 -3.40 17.75
N TYR B 114 -1.50 -2.32 16.97
CA TYR B 114 -2.18 -1.09 17.45
C TYR B 114 -3.67 -1.40 17.64
N HIS B 115 -4.27 -2.14 16.70
CA HIS B 115 -5.68 -2.55 16.82
C HIS B 115 -5.91 -3.34 18.11
N VAL B 116 -5.00 -4.21 18.53
CA VAL B 116 -5.37 -5.11 19.66
C VAL B 116 -5.14 -4.36 20.95
N VAL B 117 -4.16 -3.45 21.00
CA VAL B 117 -3.94 -2.53 22.16
C VAL B 117 -5.17 -1.60 22.28
N ASP B 118 -5.66 -1.07 21.16
CA ASP B 118 -6.91 -0.28 21.13
C ASP B 118 -8.08 -1.10 21.73
N VAL B 119 -8.23 -2.35 21.33
CA VAL B 119 -9.35 -3.21 21.80
C VAL B 119 -9.15 -3.43 23.29
N CYS B 120 -7.91 -3.60 23.74
CA CYS B 120 -7.62 -3.79 25.17
C CYS B 120 -8.08 -2.53 25.92
N GLN B 121 -7.78 -1.35 25.40
CA GLN B 121 -7.98 -0.05 26.06
C GLN B 121 -9.47 0.23 26.06
N THR B 122 -10.12 -0.05 24.94
CA THR B 122 -11.59 0.10 24.81
C THR B 122 -12.25 -0.80 25.85
N ILE B 123 -11.80 -2.04 26.01
CA ILE B 123 -12.51 -3.03 26.87
C ILE B 123 -12.34 -2.56 28.32
N HIS B 124 -11.18 -2.02 28.68
CA HIS B 124 -10.95 -1.38 30.00
C HIS B 124 -11.99 -0.25 30.19
N THR B 125 -12.17 0.66 29.24
CA THR B 125 -13.21 1.72 29.38
C THR B 125 -14.59 1.07 29.62
N PHE B 126 -14.98 0.04 28.86
CA PHE B 126 -16.32 -0.58 28.98
C PHE B 126 -16.45 -1.23 30.36
N LEU B 127 -15.36 -1.83 30.87
CA LEU B 127 -15.40 -2.53 32.17
C LEU B 127 -15.57 -1.45 33.25
N TYR B 128 -14.68 -0.47 33.29
CA TYR B 128 -14.47 0.38 34.48
C TYR B 128 -15.23 1.72 34.38
N ARG B 129 -15.27 2.39 33.23
CA ARG B 129 -16.16 3.58 33.01
C ARG B 129 -17.59 3.15 32.67
N GLY B 130 -17.83 1.97 32.11
CA GLY B 130 -19.18 1.46 31.76
C GLY B 130 -19.77 0.64 32.88
N ASN B 131 -18.96 0.38 33.92
CA ASN B 131 -19.27 -0.51 35.08
C ASN B 131 -19.75 -1.91 34.61
N VAL B 132 -19.24 -2.42 33.49
CA VAL B 132 -19.54 -3.82 33.11
C VAL B 132 -18.74 -4.77 34.03
N TYR B 133 -17.67 -4.29 34.68
CA TYR B 133 -16.96 -5.11 35.71
C TYR B 133 -17.97 -5.71 36.70
N GLU B 134 -19.06 -5.00 37.02
CA GLU B 134 -20.03 -5.42 38.07
C GLU B 134 -20.64 -6.76 37.64
N LYS B 135 -20.72 -7.02 36.33
CA LYS B 135 -21.40 -8.23 35.77
C LYS B 135 -20.45 -9.44 35.77
N LEU B 136 -19.15 -9.29 36.10
CA LEU B 136 -18.09 -10.31 35.91
C LEU B 136 -17.24 -10.54 37.17
N THR B 137 -16.63 -11.69 37.28
CA THR B 137 -15.61 -11.95 38.32
C THR B 137 -14.34 -11.15 38.00
N GLU B 138 -13.46 -11.03 38.97
CA GLU B 138 -12.15 -10.42 38.70
C GLU B 138 -11.44 -11.24 37.64
N LEU B 139 -11.51 -12.59 37.69
CA LEU B 139 -10.77 -13.45 36.74
C LEU B 139 -11.25 -13.17 35.31
N GLU B 140 -12.55 -13.08 35.10
CA GLU B 140 -13.20 -12.82 33.78
C GLU B 140 -12.70 -11.50 33.24
N CYS B 141 -12.59 -10.46 34.06
CA CYS B 141 -12.07 -9.12 33.63
C CYS B 141 -10.60 -9.23 33.17
N PHE B 142 -9.75 -9.96 33.92
CA PHE B 142 -8.33 -10.24 33.60
C PHE B 142 -8.25 -10.98 32.27
N VAL B 143 -9.03 -12.03 32.08
CA VAL B 143 -9.00 -12.85 30.84
C VAL B 143 -9.41 -11.97 29.65
N LEU B 144 -10.34 -11.04 29.84
CA LEU B 144 -10.80 -10.19 28.71
C LEU B 144 -9.67 -9.23 28.30
N LEU B 145 -9.01 -8.61 29.28
CA LEU B 145 -7.92 -7.67 28.99
C LEU B 145 -6.80 -8.45 28.28
N ILE B 146 -6.50 -9.68 28.74
CA ILE B 146 -5.47 -10.56 28.12
C ILE B 146 -5.93 -10.98 26.72
N THR B 147 -7.18 -11.43 26.57
CA THR B 147 -7.73 -11.95 25.29
C THR B 147 -7.65 -10.87 24.20
N ALA B 148 -7.85 -9.61 24.53
CA ALA B 148 -7.79 -8.50 23.53
C ALA B 148 -6.46 -8.58 22.78
N LEU B 149 -5.40 -8.95 23.47
CA LEU B 149 -4.02 -8.83 22.93
C LEU B 149 -3.71 -10.02 22.04
N VAL B 150 -4.40 -11.16 22.24
CA VAL B 150 -4.19 -12.38 21.42
C VAL B 150 -5.22 -12.49 20.29
N HIS B 151 -6.31 -11.70 20.30
CA HIS B 151 -7.53 -12.05 19.51
C HIS B 151 -7.30 -11.94 17.98
N ASP B 152 -6.19 -11.31 17.53
CA ASP B 152 -5.95 -11.20 16.06
C ASP B 152 -4.55 -11.70 15.69
N LEU B 153 -3.87 -12.49 16.52
CA LEU B 153 -2.43 -12.84 16.30
C LEU B 153 -2.19 -13.35 14.86
N ASP B 154 -1.16 -12.78 14.21
CA ASP B 154 -0.64 -13.23 12.90
C ASP B 154 -1.72 -13.11 11.82
N HIS B 155 -2.57 -12.08 11.86
CA HIS B 155 -3.50 -11.66 10.76
C HIS B 155 -2.69 -11.10 9.59
N MET B 156 -3.03 -11.42 8.34
CA MET B 156 -2.20 -10.88 7.23
C MET B 156 -3.09 -10.02 6.31
N GLY B 157 -4.20 -9.51 6.85
CA GLY B 157 -5.03 -8.48 6.21
C GLY B 157 -6.05 -9.06 5.26
N LEU B 158 -6.33 -10.36 5.37
CA LEU B 158 -7.30 -11.09 4.52
C LEU B 158 -8.33 -11.77 5.39
N ASN B 159 -9.62 -11.66 5.05
CA ASN B 159 -10.71 -12.20 5.90
C ASN B 159 -10.90 -13.71 5.62
N ASN B 160 -11.82 -14.34 6.34
CA ASN B 160 -12.04 -15.81 6.25
C ASN B 160 -12.40 -16.14 4.80
N SER B 161 -13.29 -15.34 4.21
CA SER B 161 -13.84 -15.53 2.85
C SER B 161 -12.71 -15.67 1.82
N PHE B 162 -11.59 -14.94 1.98
CA PHE B 162 -10.45 -14.96 1.04
C PHE B 162 -9.87 -16.37 0.99
N TYR B 163 -9.62 -16.94 2.17
CA TYR B 163 -9.02 -18.30 2.30
C TYR B 163 -9.99 -19.37 1.73
N LEU B 164 -11.30 -19.18 1.87
CA LEU B 164 -12.27 -20.22 1.44
C LEU B 164 -12.47 -20.15 -0.07
N LYS B 165 -12.64 -18.98 -0.68
CA LYS B 165 -13.01 -18.92 -2.13
C LYS B 165 -11.76 -19.08 -3.02
N THR B 166 -10.55 -18.72 -2.56
CA THR B 166 -9.29 -19.02 -3.29
C THR B 166 -8.74 -20.40 -2.92
N GLU B 167 -9.43 -21.21 -2.12
CA GLU B 167 -8.96 -22.58 -1.78
C GLU B 167 -7.47 -22.57 -1.43
N SER B 168 -7.09 -21.59 -0.61
CA SER B 168 -5.74 -21.47 -0.03
C SER B 168 -5.60 -22.59 1.01
N PRO B 169 -4.39 -23.10 1.29
CA PRO B 169 -4.21 -24.17 2.26
C PRO B 169 -4.95 -24.07 3.61
N LEU B 170 -4.86 -22.95 4.32
CA LEU B 170 -5.57 -22.80 5.62
C LEU B 170 -7.07 -22.97 5.41
N GLY B 171 -7.62 -22.48 4.30
CA GLY B 171 -9.06 -22.66 4.02
C GLY B 171 -9.37 -24.12 3.79
N ILE B 172 -8.54 -24.81 3.02
CA ILE B 172 -8.71 -26.27 2.73
C ILE B 172 -8.76 -27.02 4.06
N LEU B 173 -7.80 -26.79 4.95
CA LEU B 173 -7.76 -27.42 6.29
C LEU B 173 -9.03 -27.16 7.12
N SER B 174 -9.58 -25.96 7.01
CA SER B 174 -10.79 -25.55 7.75
C SER B 174 -12.02 -26.26 7.17
N SER B 175 -12.12 -26.38 5.85
CA SER B 175 -13.22 -27.08 5.13
C SER B 175 -13.18 -28.56 5.52
N ALA B 176 -12.01 -29.18 5.43
CA ALA B 176 -11.76 -30.59 5.82
C ALA B 176 -12.20 -30.81 7.29
N SER B 177 -11.85 -29.93 8.22
CA SER B 177 -12.02 -30.18 9.68
C SER B 177 -13.37 -29.65 10.19
N GLY B 178 -14.21 -29.03 9.36
CA GLY B 178 -15.57 -28.58 9.75
C GLY B 178 -15.69 -27.11 10.15
N ASN B 179 -14.63 -26.45 10.64
CA ASN B 179 -14.69 -25.07 11.19
C ASN B 179 -14.29 -24.03 10.14
N THR B 180 -15.27 -23.31 9.57
CA THR B 180 -15.13 -22.16 8.63
C THR B 180 -14.47 -20.93 9.28
N SER B 181 -14.24 -20.92 10.59
CA SER B 181 -13.61 -19.79 11.32
C SER B 181 -12.09 -19.89 11.19
N VAL B 182 -11.61 -19.78 9.95
CA VAL B 182 -10.18 -19.97 9.57
C VAL B 182 -9.28 -19.12 10.48
N LEU B 183 -9.51 -17.79 10.51
CA LEU B 183 -8.59 -16.87 11.24
C LEU B 183 -8.68 -17.11 12.76
N GLU B 184 -9.90 -17.26 13.26
CA GLU B 184 -10.11 -17.25 14.74
C GLU B 184 -9.48 -18.51 15.37
N VAL B 185 -9.49 -19.62 14.66
CA VAL B 185 -8.86 -20.89 15.14
C VAL B 185 -7.35 -20.66 15.08
N HIS B 186 -6.86 -20.05 14.03
CA HIS B 186 -5.42 -19.73 13.91
C HIS B 186 -4.99 -18.85 15.09
N HIS B 187 -5.74 -17.78 15.39
CA HIS B 187 -5.37 -16.89 16.54
C HIS B 187 -5.29 -17.70 17.83
N CYS B 188 -6.26 -18.57 18.09
CA CYS B 188 -6.27 -19.38 19.35
C CYS B 188 -5.06 -20.31 19.40
N ASN B 189 -4.77 -21.00 18.27
CA ASN B 189 -3.57 -21.88 18.13
C ASN B 189 -2.36 -21.06 18.61
N LEU B 190 -2.19 -19.85 18.08
CA LEU B 190 -0.99 -19.05 18.42
C LEU B 190 -1.09 -18.53 19.86
N ALA B 191 -2.30 -18.28 20.39
CA ALA B 191 -2.47 -17.83 21.80
C ALA B 191 -1.95 -18.93 22.72
N VAL B 192 -2.37 -20.17 22.47
CA VAL B 192 -1.94 -21.39 23.23
C VAL B 192 -0.40 -21.52 23.14
N GLU B 193 0.21 -21.35 21.96
CA GLU B 193 1.69 -21.41 21.84
C GLU B 193 2.33 -20.40 22.82
N ILE B 194 2.00 -19.12 22.75
CA ILE B 194 2.62 -18.09 23.65
C ILE B 194 2.50 -18.50 25.14
N LEU B 195 1.33 -18.98 25.56
CA LEU B 195 0.98 -19.25 26.98
C LEU B 195 1.62 -20.56 27.46
N SER B 196 2.18 -21.35 26.54
CA SER B 196 2.86 -22.63 26.84
C SER B 196 4.27 -22.36 27.41
N ASP B 197 4.98 -21.34 26.93
CA ASP B 197 6.22 -20.82 27.58
C ASP B 197 5.81 -20.21 28.92
N PRO B 198 6.30 -20.78 30.04
CA PRO B 198 6.01 -20.28 31.38
C PRO B 198 6.52 -18.87 31.63
N GLU B 199 7.42 -18.40 30.77
CA GLU B 199 7.97 -17.02 30.90
C GLU B 199 6.91 -16.02 30.45
N SER B 200 6.01 -16.44 29.57
CA SER B 200 4.91 -15.58 29.09
C SER B 200 3.55 -16.18 29.47
N ASP B 201 3.49 -17.08 30.45
CA ASP B 201 2.19 -17.66 30.85
C ASP B 201 1.58 -16.79 31.97
N VAL B 202 0.75 -15.83 31.56
CA VAL B 202 -0.06 -14.96 32.49
C VAL B 202 -1.08 -15.80 33.27
N PHE B 203 -1.36 -17.05 32.87
CA PHE B 203 -2.31 -17.92 33.61
C PHE B 203 -1.59 -19.01 34.40
N ASP B 204 -0.27 -18.90 34.57
CA ASP B 204 0.52 -19.94 35.27
C ASP B 204 0.18 -19.93 36.77
N GLY B 205 -0.19 -18.78 37.34
CA GLY B 205 -0.57 -18.65 38.76
C GLY B 205 -1.91 -19.31 39.10
N LEU B 206 -2.65 -19.82 38.13
CA LEU B 206 -4.03 -20.36 38.33
C LEU B 206 -3.96 -21.89 38.42
N GLU B 207 -4.99 -22.53 38.96
CA GLU B 207 -5.07 -24.01 39.04
C GLU B 207 -6.52 -24.41 39.01
N GLY B 208 -6.76 -25.70 38.82
CA GLY B 208 -8.10 -26.31 38.87
C GLY B 208 -9.01 -25.60 37.92
N ALA B 209 -10.28 -25.42 38.30
CA ALA B 209 -11.30 -24.89 37.39
C ALA B 209 -10.98 -23.44 37.00
N GLU B 210 -10.14 -22.70 37.74
CA GLU B 210 -9.82 -21.28 37.37
C GLU B 210 -8.99 -21.27 36.08
N ARG B 211 -7.81 -21.90 36.09
CA ARG B 211 -6.96 -22.17 34.88
C ARG B 211 -7.84 -22.66 33.70
N THR B 212 -8.72 -23.65 33.91
CA THR B 212 -9.57 -24.19 32.83
C THR B 212 -10.44 -23.07 32.31
N LEU B 213 -11.12 -22.35 33.19
CA LEU B 213 -12.02 -21.23 32.81
C LEU B 213 -11.23 -20.16 32.03
N ALA B 214 -10.00 -19.85 32.42
CA ALA B 214 -9.16 -18.83 31.73
C ALA B 214 -8.94 -19.20 30.27
N PHE B 215 -8.57 -20.46 30.03
CA PHE B 215 -8.30 -20.98 28.67
C PHE B 215 -9.63 -21.12 27.93
N ARG B 216 -10.66 -21.64 28.57
CA ARG B 216 -11.91 -21.94 27.82
C ARG B 216 -12.57 -20.60 27.44
N SER B 217 -12.53 -19.63 28.35
CA SER B 217 -13.26 -18.35 28.13
C SER B 217 -12.48 -17.56 27.08
N MET B 218 -11.15 -17.61 27.11
CA MET B 218 -10.28 -16.91 26.12
C MET B 218 -10.66 -17.38 24.72
N ILE B 219 -10.57 -18.71 24.52
CA ILE B 219 -10.84 -19.39 23.21
C ILE B 219 -12.28 -19.06 22.84
N ASP B 220 -13.23 -19.25 23.76
CA ASP B 220 -14.66 -18.95 23.46
C ASP B 220 -14.76 -17.51 22.90
N CYS B 221 -14.14 -16.54 23.55
CA CYS B 221 -14.24 -15.12 23.11
C CYS B 221 -13.58 -14.93 21.74
N VAL B 222 -12.34 -15.39 21.53
CA VAL B 222 -11.68 -15.26 20.21
C VAL B 222 -12.56 -15.88 19.13
N LEU B 223 -13.09 -17.09 19.34
CA LEU B 223 -13.94 -17.77 18.34
C LEU B 223 -15.15 -16.92 18.00
N ALA B 224 -15.67 -16.16 18.97
CA ALA B 224 -16.91 -15.35 18.83
C ALA B 224 -16.68 -14.10 17.99
N THR B 225 -15.42 -13.68 17.77
CA THR B 225 -15.10 -12.43 17.00
C THR B 225 -15.26 -12.65 15.49
N ASP B 226 -15.48 -13.88 15.02
CA ASP B 226 -15.87 -14.15 13.60
C ASP B 226 -17.23 -13.48 13.34
N MET B 227 -17.29 -12.53 12.41
CA MET B 227 -18.51 -11.70 12.14
C MET B 227 -19.55 -12.55 11.43
N ALA B 228 -19.14 -13.74 10.97
CA ALA B 228 -20.05 -14.78 10.46
C ALA B 228 -20.99 -15.21 11.58
N LYS B 229 -20.55 -15.24 12.85
CA LYS B 229 -21.33 -15.71 14.02
C LYS B 229 -21.96 -14.51 14.74
N HIS B 230 -21.97 -13.34 14.11
CA HIS B 230 -22.39 -12.08 14.74
C HIS B 230 -23.83 -12.12 15.27
N GLY B 231 -24.80 -12.26 14.38
CA GLY B 231 -26.22 -12.29 14.80
C GLY B 231 -26.45 -13.34 15.86
N SER B 232 -25.95 -14.54 15.62
CA SER B 232 -26.11 -15.68 16.54
C SER B 232 -25.59 -15.36 17.95
N ALA B 233 -24.46 -14.65 18.06
CA ALA B 233 -23.86 -14.27 19.36
C ALA B 233 -24.72 -13.23 20.08
N LEU B 234 -25.19 -12.23 19.35
CA LEU B 234 -26.10 -11.18 19.85
C LEU B 234 -27.38 -11.81 20.41
N GLU B 235 -28.01 -12.69 19.64
CA GLU B 235 -29.27 -13.40 20.00
C GLU B 235 -29.06 -14.12 21.32
N ALA B 236 -27.97 -14.89 21.43
CA ALA B 236 -27.64 -15.72 22.60
C ALA B 236 -27.46 -14.82 23.83
N PHE B 237 -26.77 -13.68 23.68
CA PHE B 237 -26.51 -12.71 24.78
C PHE B 237 -27.84 -12.16 25.29
N LEU B 238 -28.58 -11.52 24.39
CA LEU B 238 -29.88 -10.90 24.72
C LEU B 238 -30.76 -11.95 25.42
N ALA B 239 -30.75 -13.16 24.89
CA ALA B 239 -31.55 -14.25 25.48
C ALA B 239 -31.06 -14.50 26.91
N SER B 240 -29.75 -14.59 27.11
CA SER B 240 -29.23 -14.89 28.46
C SER B 240 -29.31 -13.67 29.38
N ALA B 241 -29.44 -12.47 28.83
CA ALA B 241 -29.52 -11.25 29.65
C ALA B 241 -30.95 -11.03 30.09
N ALA B 242 -31.91 -11.69 29.45
CA ALA B 242 -33.32 -11.53 29.85
C ALA B 242 -33.48 -12.07 31.28
N ASP B 243 -33.33 -11.15 32.24
CA ASP B 243 -33.34 -11.27 33.74
C ASP B 243 -32.04 -11.82 34.33
N GLN B 244 -31.32 -12.69 33.60
CA GLN B 244 -30.06 -13.43 33.92
C GLN B 244 -30.41 -14.67 34.75
N SER B 245 -31.11 -14.48 35.87
CA SER B 245 -31.62 -15.55 36.75
C SER B 245 -32.34 -16.58 35.88
N SER B 246 -31.58 -17.60 35.47
CA SER B 246 -31.99 -18.72 34.60
C SER B 246 -30.75 -19.60 34.46
N ASP B 247 -29.61 -18.95 34.20
CA ASP B 247 -28.29 -19.63 34.04
C ASP B 247 -27.21 -18.55 34.13
N GLU B 248 -26.60 -18.39 35.30
CA GLU B 248 -25.59 -17.33 35.51
C GLU B 248 -24.29 -17.61 34.77
N ALA B 249 -23.84 -18.87 34.71
CA ALA B 249 -22.56 -19.22 34.04
C ALA B 249 -22.67 -18.84 32.55
N ALA B 250 -23.82 -19.13 31.92
CA ALA B 250 -24.07 -18.78 30.51
C ALA B 250 -23.89 -17.27 30.31
N PHE B 251 -24.50 -16.47 31.21
CA PHE B 251 -24.64 -15.00 31.04
C PHE B 251 -23.24 -14.38 31.20
N HIS B 252 -22.47 -14.85 32.17
CA HIS B 252 -21.03 -14.52 32.33
C HIS B 252 -20.29 -14.75 31.01
N ARG B 253 -20.47 -15.92 30.38
CA ARG B 253 -19.63 -16.31 29.22
C ARG B 253 -20.05 -15.44 28.05
N MET B 254 -21.38 -15.25 27.88
CA MET B 254 -21.98 -14.44 26.77
C MET B 254 -21.58 -12.97 26.90
N THR B 255 -21.52 -12.43 28.11
CA THR B 255 -21.09 -11.05 28.42
C THR B 255 -19.62 -10.90 28.05
N MET B 256 -18.74 -11.84 28.43
CA MET B 256 -17.32 -11.80 27.96
C MET B 256 -17.29 -11.72 26.42
N GLU B 257 -18.00 -12.62 25.77
CA GLU B 257 -17.99 -12.69 24.30
C GLU B 257 -18.51 -11.38 23.69
N ILE B 258 -19.51 -10.78 24.32
CA ILE B 258 -20.13 -9.54 23.80
C ILE B 258 -19.20 -8.35 23.99
N ILE B 259 -18.43 -8.32 25.07
CA ILE B 259 -17.49 -7.19 25.35
C ILE B 259 -16.30 -7.27 24.39
N LEU B 260 -15.75 -8.46 24.15
CA LEU B 260 -14.68 -8.60 23.14
C LEU B 260 -15.26 -8.20 21.80
N LYS B 261 -16.43 -8.73 21.41
CA LYS B 261 -17.08 -8.30 20.13
C LYS B 261 -17.21 -6.78 20.07
N ALA B 262 -17.66 -6.18 21.16
CA ALA B 262 -17.92 -4.73 21.29
C ALA B 262 -16.61 -3.94 21.09
N GLY B 263 -15.54 -4.31 21.77
CA GLY B 263 -14.20 -3.74 21.63
C GLY B 263 -13.78 -3.78 20.18
N ASP B 264 -14.11 -4.86 19.48
CA ASP B 264 -13.60 -5.12 18.11
C ASP B 264 -14.30 -4.17 17.14
N ILE B 265 -15.56 -3.83 17.40
CA ILE B 265 -16.31 -2.90 16.49
C ILE B 265 -16.53 -1.55 17.17
N SER B 266 -15.58 -1.14 18.03
CA SER B 266 -15.67 0.04 18.92
C SER B 266 -15.18 1.29 18.18
N ASN B 267 -14.67 1.14 16.97
CA ASN B 267 -14.02 2.28 16.25
C ASN B 267 -15.03 3.41 16.04
N VAL B 268 -16.29 3.10 15.73
CA VAL B 268 -17.31 4.16 15.45
C VAL B 268 -17.81 4.82 16.74
N THR B 269 -17.41 4.36 17.94
CA THR B 269 -17.82 4.95 19.24
C THR B 269 -16.77 5.96 19.75
N LYS B 270 -15.83 6.38 18.92
CA LYS B 270 -14.73 7.25 19.41
C LYS B 270 -14.92 8.67 18.91
N PRO B 271 -14.17 9.64 19.51
CA PRO B 271 -14.12 11.01 18.98
C PRO B 271 -13.83 11.00 17.48
N PHE B 272 -14.64 11.70 16.69
CA PHE B 272 -14.69 11.62 15.22
C PHE B 272 -13.29 11.60 14.60
N ASP B 273 -12.37 12.42 15.09
CA ASP B 273 -11.02 12.46 14.50
C ASP B 273 -10.33 11.08 14.63
N ILE B 274 -10.45 10.43 15.77
CA ILE B 274 -9.84 9.09 16.04
C ILE B 274 -10.53 8.05 15.15
N SER B 275 -11.85 8.16 15.02
CA SER B 275 -12.74 7.22 14.32
C SER B 275 -12.44 7.21 12.80
N ARG B 276 -12.27 8.39 12.21
CA ARG B 276 -11.98 8.63 10.77
C ARG B 276 -10.61 8.00 10.49
N GLN B 277 -9.66 8.10 11.42
CA GLN B 277 -8.32 7.50 11.25
C GLN B 277 -8.42 5.97 11.19
N TRP B 278 -9.22 5.33 12.05
CA TRP B 278 -9.49 3.86 12.04
C TRP B 278 -10.18 3.48 10.72
N ALA B 279 -11.17 4.26 10.28
CA ALA B 279 -11.91 4.01 9.02
C ALA B 279 -10.93 4.02 7.84
N MET B 280 -9.90 4.87 7.90
CA MET B 280 -8.95 5.04 6.78
C MET B 280 -8.14 3.75 6.72
N ALA B 281 -7.67 3.29 7.87
CA ALA B 281 -6.78 2.11 7.99
C ALA B 281 -7.51 0.83 7.59
N VAL B 282 -8.76 0.60 8.06
CA VAL B 282 -9.49 -0.65 7.72
C VAL B 282 -9.88 -0.64 6.25
N THR B 283 -10.08 0.53 5.67
CA THR B 283 -10.55 0.66 4.26
C THR B 283 -9.37 0.31 3.35
N GLU B 284 -8.19 0.80 3.70
CA GLU B 284 -6.95 0.51 2.96
C GLU B 284 -6.73 -1.02 3.04
N GLU B 285 -6.97 -1.64 4.19
CA GLU B 285 -6.73 -3.10 4.38
C GLU B 285 -7.68 -3.91 3.48
N PHE B 286 -8.96 -3.55 3.45
CA PHE B 286 -9.97 -4.27 2.61
C PHE B 286 -9.64 -4.13 1.12
N TYR B 287 -9.20 -2.95 0.68
CA TYR B 287 -8.84 -2.63 -0.73
C TYR B 287 -7.63 -3.50 -1.16
N ARG B 288 -6.66 -3.72 -0.28
CA ARG B 288 -5.52 -4.60 -0.59
C ARG B 288 -5.99 -6.06 -0.69
N GLN B 289 -6.98 -6.50 0.11
CA GLN B 289 -7.61 -7.83 -0.11
C GLN B 289 -8.19 -7.82 -1.52
N GLY B 290 -8.91 -6.75 -1.92
CA GLY B 290 -9.51 -6.59 -3.27
C GLY B 290 -8.50 -6.77 -4.41
N ASP B 291 -7.32 -6.15 -4.27
CA ASP B 291 -6.13 -6.19 -5.17
C ASP B 291 -5.63 -7.63 -5.31
N MET B 292 -5.36 -8.33 -4.21
CA MET B 292 -4.96 -9.76 -4.22
C MET B 292 -6.03 -10.68 -4.81
N GLU B 293 -7.32 -10.39 -4.62
CA GLU B 293 -8.38 -11.20 -5.27
C GLU B 293 -8.27 -11.01 -6.80
N LYS B 294 -8.02 -9.80 -7.29
CA LYS B 294 -7.86 -9.58 -8.75
C LYS B 294 -6.68 -10.47 -9.20
N GLU B 295 -5.55 -10.42 -8.47
CA GLU B 295 -4.37 -11.27 -8.73
C GLU B 295 -4.79 -12.74 -8.89
N ARG B 296 -5.68 -13.26 -8.04
CA ARG B 296 -6.10 -14.68 -8.06
C ARG B 296 -7.18 -14.89 -9.14
N GLY B 297 -7.62 -13.87 -9.87
CA GLY B 297 -8.83 -13.92 -10.71
C GLY B 297 -10.07 -14.44 -9.97
N VAL B 298 -10.25 -14.09 -8.70
CA VAL B 298 -11.52 -14.46 -8.00
C VAL B 298 -12.42 -13.22 -7.98
N GLU B 299 -13.68 -13.41 -7.59
CA GLU B 299 -14.68 -12.33 -7.53
C GLU B 299 -14.34 -11.36 -6.40
N VAL B 300 -14.43 -10.05 -6.67
CA VAL B 300 -14.17 -9.04 -5.60
C VAL B 300 -15.48 -8.33 -5.26
N LEU B 301 -15.91 -8.39 -4.00
CA LEU B 301 -17.16 -7.70 -3.57
C LEU B 301 -16.98 -6.19 -3.78
N PRO B 302 -18.07 -5.43 -4.08
CA PRO B 302 -17.96 -4.00 -4.40
C PRO B 302 -17.17 -3.15 -3.38
N MET B 303 -17.33 -3.45 -2.09
CA MET B 303 -16.78 -2.64 -0.97
C MET B 303 -15.31 -2.97 -0.71
N PHE B 304 -14.77 -3.98 -1.38
CA PHE B 304 -13.34 -4.40 -1.33
C PHE B 304 -12.59 -3.86 -2.57
N ASP B 305 -13.33 -3.26 -3.50
CA ASP B 305 -12.86 -2.93 -4.88
C ASP B 305 -12.54 -1.44 -5.04
N ARG B 306 -11.24 -1.05 -5.11
CA ARG B 306 -10.77 0.36 -5.31
C ARG B 306 -11.43 1.07 -6.49
N SER B 307 -11.77 0.36 -7.57
CA SER B 307 -12.13 0.96 -8.89
C SER B 307 -13.54 1.58 -8.83
N LYS B 308 -14.26 1.39 -7.74
CA LYS B 308 -15.63 1.95 -7.64
C LYS B 308 -15.53 3.34 -7.01
N ASN B 309 -14.41 3.61 -6.32
CA ASN B 309 -14.10 4.90 -5.66
C ASN B 309 -15.12 5.27 -4.59
N MET B 310 -15.82 4.30 -3.95
CA MET B 310 -16.88 4.58 -2.95
C MET B 310 -16.28 5.47 -1.88
N GLU B 311 -17.03 6.50 -1.48
CA GLU B 311 -16.41 7.51 -0.56
C GLU B 311 -16.28 6.92 0.85
N LEU B 312 -15.24 7.29 1.61
CA LEU B 312 -15.00 6.79 3.00
C LEU B 312 -16.25 6.92 3.87
N ALA B 313 -16.99 8.05 3.76
CA ALA B 313 -18.16 8.40 4.58
C ALA B 313 -19.40 7.55 4.27
N LYS B 314 -19.58 7.05 3.04
CA LYS B 314 -20.77 6.23 2.65
C LYS B 314 -20.65 4.83 3.29
N GLY B 315 -19.42 4.35 3.46
CA GLY B 315 -19.12 3.04 4.06
C GLY B 315 -19.33 3.09 5.56
N GLN B 316 -18.78 4.12 6.22
CA GLN B 316 -18.90 4.32 7.68
C GLN B 316 -20.40 4.49 8.07
N ILE B 317 -21.16 5.33 7.36
CA ILE B 317 -22.63 5.46 7.57
C ILE B 317 -23.30 4.08 7.39
N GLY B 318 -22.92 3.32 6.36
CA GLY B 318 -23.47 1.98 6.12
C GLY B 318 -23.13 1.03 7.25
N PHE B 319 -21.91 1.10 7.73
CA PHE B 319 -21.42 0.20 8.82
C PHE B 319 -22.20 0.53 10.11
N ILE B 320 -22.48 1.83 10.29
CA ILE B 320 -23.24 2.34 11.46
C ILE B 320 -24.70 1.86 11.38
N ASP B 321 -25.39 2.08 10.27
CA ASP B 321 -26.84 1.83 10.15
C ASP B 321 -27.15 0.33 10.24
N PHE B 322 -26.37 -0.52 9.58
CA PHE B 322 -26.68 -1.97 9.48
C PHE B 322 -25.96 -2.84 10.51
N VAL B 323 -24.82 -2.40 11.10
CA VAL B 323 -24.04 -3.25 12.06
C VAL B 323 -23.93 -2.59 13.44
N ALA B 324 -23.26 -1.43 13.54
CA ALA B 324 -22.74 -0.89 14.83
C ALA B 324 -23.85 -0.28 15.70
N ALA B 325 -24.70 0.60 15.18
CA ALA B 325 -25.75 1.28 15.99
C ALA B 325 -26.74 0.23 16.53
N PRO B 326 -27.29 -0.68 15.71
CA PRO B 326 -28.18 -1.71 16.25
C PRO B 326 -27.52 -2.53 17.38
N PHE B 327 -26.28 -2.93 17.19
CA PHE B 327 -25.54 -3.79 18.16
C PHE B 327 -25.37 -3.05 19.47
N PHE B 328 -24.87 -1.82 19.44
CA PHE B 328 -24.56 -1.03 20.65
C PHE B 328 -25.85 -0.66 21.40
N GLN B 329 -26.89 -0.31 20.64
CA GLN B 329 -28.23 0.03 21.16
C GLN B 329 -28.80 -1.19 21.88
N LYS B 330 -28.76 -2.36 21.27
CA LYS B 330 -29.49 -3.52 21.83
C LYS B 330 -28.85 -4.00 23.14
N ILE B 331 -27.52 -3.89 23.27
CA ILE B 331 -26.78 -4.47 24.43
C ILE B 331 -26.81 -3.46 25.57
N VAL B 332 -26.72 -2.17 25.25
CA VAL B 332 -26.94 -1.09 26.25
C VAL B 332 -28.33 -1.21 26.88
N ASP B 333 -29.36 -1.30 26.05
CA ASP B 333 -30.78 -1.38 26.49
C ASP B 333 -30.98 -2.67 27.28
N ALA B 334 -30.34 -3.75 26.87
CA ALA B 334 -30.61 -5.09 27.44
C ALA B 334 -30.01 -5.19 28.84
N CYS B 335 -28.97 -4.41 29.15
CA CYS B 335 -28.07 -4.74 30.27
C CYS B 335 -27.00 -3.66 30.55
N LEU B 336 -26.34 -3.14 29.52
CA LEU B 336 -25.07 -2.39 29.68
C LEU B 336 -25.34 -0.90 29.66
N GLN B 337 -26.17 -0.43 30.60
CA GLN B 337 -26.61 1.00 30.68
C GLN B 337 -25.41 1.93 30.85
N GLY B 338 -24.39 1.51 31.60
CA GLY B 338 -23.16 2.28 31.82
C GLY B 338 -22.53 2.68 30.50
N MET B 339 -22.84 1.98 29.41
CA MET B 339 -22.13 2.16 28.10
C MET B 339 -22.97 3.01 27.14
N GLN B 340 -23.92 3.81 27.66
CA GLN B 340 -24.82 4.66 26.84
C GLN B 340 -24.02 5.60 25.93
N TRP B 341 -22.85 6.09 26.37
CA TRP B 341 -22.01 7.05 25.61
C TRP B 341 -21.61 6.47 24.24
N THR B 342 -21.56 5.15 24.09
CA THR B 342 -21.27 4.49 22.79
C THR B 342 -22.38 4.84 21.79
N VAL B 343 -23.63 4.68 22.20
CA VAL B 343 -24.82 4.94 21.34
C VAL B 343 -24.84 6.43 20.96
N ASP B 344 -24.52 7.30 21.91
CA ASP B 344 -24.53 8.76 21.67
C ASP B 344 -23.48 9.05 20.60
N ARG B 345 -22.27 8.55 20.77
CA ARG B 345 -21.12 8.96 19.92
C ARG B 345 -21.22 8.37 18.51
N ILE B 346 -21.78 7.19 18.36
CA ILE B 346 -22.06 6.64 17.00
C ILE B 346 -22.92 7.68 16.26
N LYS B 347 -23.93 8.20 16.96
CA LYS B 347 -24.90 9.21 16.46
C LYS B 347 -24.19 10.51 16.14
N SER B 348 -23.31 10.95 17.03
CA SER B 348 -22.55 12.19 16.79
C SER B 348 -21.63 12.00 15.57
N ASN B 349 -21.04 10.82 15.44
CA ASN B 349 -20.11 10.50 14.33
C ASN B 349 -20.89 10.36 13.03
N ARG B 350 -22.04 9.70 13.07
CA ARG B 350 -22.87 9.52 11.86
C ARG B 350 -23.20 10.89 11.27
N ALA B 351 -23.73 11.79 12.08
CA ALA B 351 -24.12 13.16 11.67
C ALA B 351 -22.92 13.86 11.02
N GLN B 352 -21.71 13.64 11.52
CA GLN B 352 -20.47 14.27 11.00
C GLN B 352 -20.05 13.65 9.65
N TRP B 353 -20.34 12.35 9.41
CA TRP B 353 -20.09 11.70 8.09
C TRP B 353 -21.10 12.31 7.09
N GLU B 354 -22.37 12.51 7.48
CA GLU B 354 -23.43 13.09 6.62
C GLU B 354 -22.98 14.47 6.10
N ARG B 355 -22.19 15.22 6.86
CA ARG B 355 -21.80 16.64 6.57
C ARG B 355 -20.40 16.73 5.95
N VAL B 356 -19.64 15.63 5.93
CA VAL B 356 -18.37 15.53 5.15
C VAL B 356 -18.74 15.19 3.70
N LEU B 357 -19.84 14.44 3.50
CA LEU B 357 -20.44 14.09 2.18
C LEU B 357 -20.76 15.31 1.32
N GLU B 358 -21.29 16.39 1.92
CA GLU B 358 -21.91 17.53 1.19
C GLU B 358 -20.88 18.68 1.01
N THR B 359 -19.60 18.48 1.35
CA THR B 359 -18.49 19.47 1.18
C THR B 359 -17.22 18.75 0.73
#